data_4YAQ
#
_entry.id   4YAQ
#
_cell.length_a   57.740
_cell.length_b   122.980
_cell.length_c   69.920
_cell.angle_alpha   90.00
_cell.angle_beta   96.27
_cell.angle_gamma   90.00
#
_symmetry.space_group_name_H-M   'P 1 21 1'
#
loop_
_entity.id
_entity.type
_entity.pdbx_description
1 polymer 'PG9_N100FY Fab heavy chain'
2 polymer 'PG9_N100FY Light Chain'
3 branched 2-acetamido-2-deoxy-beta-D-glucopyranose-(1-4)-[alpha-L-fucopyranose-(1-6)]2-acetamido-2-deoxy-beta-D-glucopyranose
4 non-polymer '2-(N-MORPHOLINO)-ETHANESULFONIC ACID'
5 non-polymer 'PHOSPHATE ION'
6 water water
#
loop_
_entity_poly.entity_id
_entity_poly.type
_entity_poly.pdbx_seq_one_letter_code
_entity_poly.pdbx_strand_id
1 'polypeptide(L)'
;(PCA)RLVESGGGVVQPGSSLRLSCAASGFDFSRQGMHWVRQAPGQGLEWVAFIKYDGSEKYHADSVWGRLSISRDNSKD
TLYLQMNSLRVEDTATYFCVREAGGPDYRNGYY(TYS)(TYS)DFYDGYYNYHYMDVWGKGTTVTVSSASTKGPSVFPLA
PSSKSTSGGTAALGCLVKDYFPEPVTVSWNSGALTSGVHTFPAVLQSSGLYSLSSVVTVPSSSLGTQTYICNVNHKPSNT
KVDKKVEPKSCDKGLEVLFQ
;
H,A
2 'polypeptide(L)'
;QSALTQPASVSGSPGQSITISCNGTSNDVGGYESVSWYQQHPGKAPKVVIYDVSKRPSGVSNRFSGSKSGNTASLTISGL
QAEDEGDYYCKSLTSTRRRVFGTGTKLTVLGQPKAAPSVTLFPPSSEELQANKATLVCLISDFYPGAVTVAWKADSSPVK
AGVETTTPSKQSNNKYAASSYLSLTPEQWKSHKSYSCQVTHEGSTVEKTVAPTECS
;
L,B
#
# COMPACT_ATOMS: atom_id res chain seq x y z
N ARG A 2 19.26 -18.64 12.32
CA ARG A 2 17.87 -19.05 12.50
C ARG A 2 17.06 -18.00 13.27
N LEU A 3 15.82 -17.80 12.83
CA LEU A 3 14.91 -16.87 13.49
C LEU A 3 13.56 -17.54 13.77
N VAL A 4 13.11 -17.49 15.02
CA VAL A 4 11.86 -18.13 15.41
C VAL A 4 10.92 -17.18 16.12
N GLU A 5 9.80 -16.84 15.48
CA GLU A 5 8.82 -15.93 16.06
C GLU A 5 7.86 -16.65 16.99
N SER A 6 7.26 -15.90 17.91
CA SER A 6 6.21 -16.41 18.79
C SER A 6 5.47 -15.26 19.46
N GLY A 7 4.38 -15.58 20.15
CA GLY A 7 3.61 -14.57 20.85
C GLY A 7 2.38 -14.13 20.08
N GLY A 8 2.21 -14.65 18.87
CA GLY A 8 1.07 -14.33 18.04
C GLY A 8 -0.21 -14.89 18.64
N GLY A 9 -1.35 -14.34 18.23
CA GLY A 9 -2.63 -14.81 18.73
C GLY A 9 -3.82 -14.02 18.23
N VAL A 10 -5.00 -14.39 18.71
CA VAL A 10 -6.24 -13.73 18.32
C VAL A 10 -6.76 -12.84 19.44
N VAL A 11 -7.00 -11.58 19.12
CA VAL A 11 -7.47 -10.63 20.11
C VAL A 11 -8.52 -9.69 19.53
N GLN A 12 -9.24 -9.00 20.39
CA GLN A 12 -10.18 -7.97 19.96
C GLN A 12 -9.44 -6.65 19.81
N PRO A 13 -9.94 -5.75 18.96
CA PRO A 13 -9.32 -4.45 18.74
C PRO A 13 -9.18 -3.65 20.04
N GLY A 14 -8.04 -2.98 20.20
CA GLY A 14 -7.77 -2.23 21.41
C GLY A 14 -6.98 -3.04 22.43
N SER A 15 -6.81 -4.33 22.14
CA SER A 15 -6.07 -5.22 23.03
C SER A 15 -4.57 -5.10 22.81
N SER A 16 -3.80 -5.79 23.62
CA SER A 16 -2.35 -5.77 23.51
C SER A 16 -1.78 -7.15 23.19
N LEU A 17 -0.53 -7.17 22.74
CA LEU A 17 0.11 -8.40 22.33
C LEU A 17 1.62 -8.17 22.25
N ARG A 18 2.39 -9.16 22.71
CA ARG A 18 3.85 -9.04 22.66
C ARG A 18 4.47 -10.15 21.83
N LEU A 19 5.06 -9.77 20.69
CA LEU A 19 5.74 -10.72 19.83
C LEU A 19 7.20 -10.89 20.26
N SER A 20 7.68 -12.12 20.18
CA SER A 20 9.08 -12.41 20.49
C SER A 20 9.73 -13.14 19.31
N CYS A 21 11.03 -12.94 19.15
CA CYS A 21 11.79 -13.61 18.10
C CYS A 21 13.10 -14.15 18.65
N ALA A 22 13.24 -15.47 18.64
CA ALA A 22 14.45 -16.12 19.12
C ALA A 22 15.46 -16.28 17.98
N ALA A 23 16.66 -15.72 18.17
CA ALA A 23 17.69 -15.76 17.14
C ALA A 23 18.84 -16.67 17.53
N SER A 24 19.32 -17.44 16.57
CA SER A 24 20.46 -18.33 16.79
C SER A 24 21.27 -18.49 15.50
N GLY A 25 22.49 -18.99 15.63
CA GLY A 25 23.33 -19.28 14.47
C GLY A 25 24.17 -18.12 14.00
N PHE A 26 24.21 -17.04 14.78
CA PHE A 26 25.01 -15.87 14.45
C PHE A 26 25.11 -14.93 15.64
N ASP A 27 26.00 -13.94 15.54
CA ASP A 27 26.19 -12.98 16.64
C ASP A 27 25.08 -11.93 16.61
N PHE A 28 24.02 -12.20 17.36
CA PHE A 28 22.85 -11.32 17.42
C PHE A 28 23.21 -9.90 17.86
N SER A 29 24.21 -9.79 18.73
CA SER A 29 24.58 -8.51 19.31
C SER A 29 25.21 -7.55 18.31
N ARG A 30 25.57 -8.07 17.12
CA ARG A 30 26.28 -7.27 16.14
C ARG A 30 25.43 -6.86 14.94
N GLN A 31 24.26 -7.46 14.79
CA GLN A 31 23.44 -7.22 13.61
C GLN A 31 22.12 -6.51 13.90
N GLY A 32 21.69 -5.69 12.95
CA GLY A 32 20.40 -5.02 13.04
C GLY A 32 19.28 -6.00 12.74
N MET A 33 18.07 -5.67 13.19
CA MET A 33 16.93 -6.55 13.02
C MET A 33 15.69 -5.81 12.55
N HIS A 34 14.89 -6.48 11.72
CA HIS A 34 13.64 -5.92 11.23
C HIS A 34 12.43 -6.71 11.71
N TRP A 35 11.30 -6.03 11.84
CA TRP A 35 10.00 -6.69 11.86
C TRP A 35 9.28 -6.36 10.56
N VAL A 36 8.83 -7.38 9.85
CA VAL A 36 8.08 -7.19 8.63
C VAL A 36 6.78 -7.98 8.70
N ARG A 37 5.69 -7.40 8.22
CA ARG A 37 4.40 -8.08 8.29
C ARG A 37 3.73 -8.21 6.93
N GLN A 38 2.84 -9.20 6.82
CA GLN A 38 2.11 -9.45 5.58
C GLN A 38 0.69 -9.94 5.89
N ALA A 39 -0.29 -9.10 5.56
CA ALA A 39 -1.68 -9.47 5.77
C ALA A 39 -2.08 -10.57 4.79
N PRO A 40 -3.07 -11.40 5.18
CA PRO A 40 -3.55 -12.52 4.37
C PRO A 40 -3.91 -12.11 2.94
N GLY A 41 -3.16 -12.63 1.97
CA GLY A 41 -3.40 -12.34 0.57
C GLY A 41 -3.04 -10.92 0.18
N GLN A 42 -2.17 -10.29 0.96
CA GLN A 42 -1.72 -8.94 0.69
C GLN A 42 -0.21 -8.88 0.53
N GLY A 43 0.32 -7.67 0.37
CA GLY A 43 1.75 -7.49 0.14
C GLY A 43 2.55 -7.30 1.42
N LEU A 44 3.87 -7.39 1.29
CA LEU A 44 4.77 -7.19 2.43
C LEU A 44 4.72 -5.74 2.91
N GLU A 45 4.77 -5.56 4.22
CA GLU A 45 4.83 -4.22 4.79
C GLU A 45 5.89 -4.13 5.89
N TRP A 46 6.92 -3.34 5.63
CA TRP A 46 7.96 -3.10 6.62
C TRP A 46 7.39 -2.47 7.87
N VAL A 47 7.66 -3.06 9.03
CA VAL A 47 7.09 -2.59 10.28
C VAL A 47 8.08 -1.77 11.09
N ALA A 48 9.27 -2.31 11.33
CA ALA A 48 10.26 -1.61 12.14
C ALA A 48 11.67 -2.16 11.97
N PHE A 49 12.65 -1.36 12.39
CA PHE A 49 14.05 -1.77 12.40
C PHE A 49 14.71 -1.33 13.71
N ILE A 50 15.65 -2.15 14.19
CA ILE A 50 16.39 -1.80 15.40
C ILE A 50 17.88 -2.06 15.20
N LYS A 51 18.69 -1.07 15.57
CA LYS A 51 20.14 -1.15 15.43
C LYS A 51 20.71 -2.26 16.31
N TYR A 52 21.91 -2.70 15.99
CA TYR A 52 22.54 -3.85 16.67
C TYR A 52 22.63 -3.65 18.19
N ASP A 53 22.87 -2.42 18.62
CA ASP A 53 22.98 -2.14 20.06
C ASP A 53 21.72 -1.48 20.62
N GLY A 54 20.67 -1.40 19.79
CA GLY A 54 19.41 -0.84 20.21
C GLY A 54 19.45 0.66 20.48
N SER A 55 20.52 1.32 20.05
CA SER A 55 20.67 2.75 20.27
C SER A 55 19.77 3.55 19.33
N GLU A 56 19.35 2.93 18.23
CA GLU A 56 18.45 3.56 17.28
C GLU A 56 17.28 2.64 16.94
N LYS A 57 16.08 3.23 16.87
CA LYS A 57 14.88 2.48 16.48
C LYS A 57 14.11 3.24 15.41
N TYR A 58 13.53 2.52 14.47
CA TYR A 58 12.71 3.13 13.44
C TYR A 58 11.43 2.33 13.18
N HIS A 59 10.31 3.05 13.10
CA HIS A 59 9.01 2.42 12.91
C HIS A 59 8.26 3.02 11.72
N ALA A 60 7.43 2.20 11.08
CA ALA A 60 6.60 2.68 9.97
C ALA A 60 5.55 3.67 10.47
N ASP A 61 5.15 4.60 9.62
CA ASP A 61 4.16 5.61 9.98
C ASP A 61 2.84 4.98 10.41
N SER A 62 2.51 3.85 9.81
CA SER A 62 1.20 3.22 10.01
C SER A 62 1.09 2.51 11.36
N VAL A 63 2.21 2.29 12.02
CA VAL A 63 2.21 1.57 13.29
C VAL A 63 2.81 2.39 14.43
N TRP A 64 3.27 3.60 14.12
CA TRP A 64 3.97 4.43 15.09
C TRP A 64 3.09 4.79 16.29
N GLY A 65 3.62 4.55 17.48
CA GLY A 65 2.91 4.89 18.71
C GLY A 65 2.05 3.76 19.23
N ARG A 66 1.90 2.70 18.43
CA ARG A 66 1.11 1.54 18.84
C ARG A 66 1.97 0.29 18.89
N LEU A 67 2.75 0.06 17.83
CA LEU A 67 3.71 -1.04 17.81
C LEU A 67 5.12 -0.49 18.04
N SER A 68 5.90 -1.18 18.87
CA SER A 68 7.25 -0.72 19.18
C SER A 68 8.24 -1.87 19.23
N ILE A 69 9.40 -1.68 18.61
CA ILE A 69 10.43 -2.69 18.55
C ILE A 69 11.45 -2.53 19.68
N SER A 70 11.94 -3.66 20.19
CA SER A 70 12.98 -3.67 21.20
C SER A 70 13.78 -4.95 21.10
N ARG A 71 14.90 -5.02 21.80
CA ARG A 71 15.76 -6.20 21.72
C ARG A 71 16.51 -6.47 23.02
N ASP A 72 16.84 -7.73 23.25
CA ASP A 72 17.63 -8.14 24.40
C ASP A 72 18.77 -9.02 23.91
N ASN A 73 19.99 -8.47 23.91
CA ASN A 73 21.14 -9.18 23.36
C ASN A 73 21.72 -10.22 24.31
N SER A 74 21.33 -10.16 25.58
CA SER A 74 21.78 -11.14 26.55
C SER A 74 21.03 -12.45 26.38
N LYS A 75 19.84 -12.37 25.79
CA LYS A 75 19.02 -13.55 25.53
C LYS A 75 18.81 -13.78 24.04
N ASP A 76 19.48 -12.96 23.23
CA ASP A 76 19.37 -13.04 21.77
C ASP A 76 17.93 -13.04 21.31
N THR A 77 17.15 -12.09 21.81
CA THR A 77 15.73 -12.03 21.52
C THR A 77 15.30 -10.68 20.98
N LEU A 78 14.46 -10.71 19.96
CA LEU A 78 13.87 -9.48 19.40
C LEU A 78 12.41 -9.40 19.82
N TYR A 79 11.97 -8.20 20.21
CA TYR A 79 10.60 -8.03 20.68
C TYR A 79 9.83 -7.02 19.85
N LEU A 80 8.52 -7.23 19.75
CA LEU A 80 7.61 -6.23 19.20
C LEU A 80 6.41 -6.08 20.13
N GLN A 81 6.37 -4.98 20.87
CA GLN A 81 5.25 -4.71 21.75
C GLN A 81 4.10 -4.10 20.96
N MET A 82 2.93 -4.72 21.04
CA MET A 82 1.78 -4.28 20.27
C MET A 82 0.65 -3.80 21.17
N ASN A 83 0.38 -2.50 21.14
CA ASN A 83 -0.69 -1.91 21.94
C ASN A 83 -1.73 -1.23 21.05
N SER A 84 -2.92 -1.03 21.61
CA SER A 84 -4.02 -0.37 20.89
C SER A 84 -4.21 -1.00 19.51
N LEU A 85 -4.25 -2.33 19.48
CA LEU A 85 -4.32 -3.08 18.23
C LEU A 85 -5.56 -2.73 17.41
N ARG A 86 -5.37 -2.67 16.11
CA ARG A 86 -6.47 -2.39 15.18
C ARG A 86 -6.66 -3.58 14.24
N VAL A 87 -7.81 -3.63 13.59
CA VAL A 87 -8.12 -4.74 12.69
C VAL A 87 -7.10 -4.84 11.56
N GLU A 88 -6.63 -3.70 11.08
CA GLU A 88 -5.69 -3.68 9.95
C GLU A 88 -4.30 -4.17 10.35
N ASP A 89 -4.07 -4.37 11.64
CA ASP A 89 -2.82 -4.94 12.12
C ASP A 89 -2.80 -6.44 11.92
N THR A 90 -3.94 -6.99 11.54
CA THR A 90 -4.08 -8.42 11.25
C THR A 90 -3.12 -8.84 10.14
N ALA A 91 -2.19 -9.74 10.46
CA ALA A 91 -1.20 -10.18 9.49
C ALA A 91 -0.30 -11.27 10.04
N THR A 92 0.51 -11.84 9.16
CA THR A 92 1.61 -12.71 9.57
C THR A 92 2.83 -11.83 9.83
N TYR A 93 3.48 -12.02 10.97
CA TYR A 93 4.60 -11.18 11.36
C TYR A 93 5.93 -11.92 11.27
N PHE A 94 6.85 -11.35 10.49
CA PHE A 94 8.15 -11.96 10.28
C PHE A 94 9.25 -11.27 11.06
N CYS A 95 10.07 -12.06 11.74
CA CYS A 95 11.33 -11.58 12.29
C CYS A 95 12.39 -11.71 11.19
N VAL A 96 13.03 -10.59 10.84
CA VAL A 96 13.94 -10.58 9.70
C VAL A 96 15.29 -9.96 10.06
N ARG A 97 16.36 -10.54 9.54
CA ARG A 97 17.70 -10.04 9.82
C ARG A 97 18.19 -9.08 8.75
N GLU A 98 18.77 -7.98 9.21
CA GLU A 98 19.42 -7.03 8.32
C GLU A 98 20.79 -7.55 7.92
N ALA A 99 20.99 -7.77 6.62
CA ALA A 99 22.29 -8.20 6.13
C ALA A 99 23.33 -7.14 6.47
N GLY A 100 24.53 -7.56 6.84
CA GLY A 100 25.54 -6.61 7.27
C GLY A 100 26.96 -7.15 7.29
N GLY A 101 27.87 -6.31 7.76
CA GLY A 101 29.28 -6.64 7.80
C GLY A 101 30.09 -5.36 7.86
N PRO A 102 31.39 -5.44 7.50
CA PRO A 102 32.26 -4.27 7.53
C PRO A 102 32.12 -3.40 6.28
N ASP A 103 32.40 -2.10 6.42
CA ASP A 103 32.52 -1.23 5.26
C ASP A 103 33.98 -1.21 4.80
N TYR A 104 34.20 -0.96 3.52
CA TYR A 104 35.53 -1.05 2.95
C TYR A 104 36.04 0.31 2.46
N ARG A 105 37.15 0.77 3.04
CA ARG A 105 37.75 2.04 2.67
C ARG A 105 39.27 1.98 2.73
N ASN A 106 39.93 2.57 1.74
CA ASN A 106 41.39 2.70 1.73
C ASN A 106 42.12 1.39 2.02
N GLY A 107 41.52 0.28 1.63
CA GLY A 107 42.11 -1.02 1.85
C GLY A 107 41.89 -1.56 3.25
N TYR A 108 40.91 -0.99 3.95
CA TYR A 108 40.63 -1.36 5.33
C TYR A 108 39.17 -1.79 5.53
N TYR A 109 38.96 -2.76 6.41
CA TYR A 109 37.62 -3.14 6.84
C TYR A 109 37.22 -2.35 8.08
N ASP A 112 31.27 -0.73 12.80
CA ASP A 112 30.67 0.35 13.59
C ASP A 112 31.23 0.32 15.00
N PHE A 113 30.71 1.18 15.88
CA PHE A 113 31.16 1.21 17.27
C PHE A 113 31.01 -0.14 17.93
N TYR A 114 32.06 -0.56 18.65
CA TYR A 114 32.07 -1.86 19.33
C TYR A 114 31.95 -2.99 18.33
N ASP A 115 32.49 -2.76 17.13
CA ASP A 115 32.53 -3.76 16.06
C ASP A 115 31.15 -4.23 15.62
N GLY A 116 30.16 -3.35 15.75
CA GLY A 116 28.83 -3.65 15.23
C GLY A 116 28.83 -3.61 13.73
N TYR A 117 27.96 -4.40 13.11
CA TYR A 117 27.87 -4.45 11.65
C TYR A 117 27.35 -3.15 11.05
N TYR A 118 27.86 -2.82 9.87
CA TYR A 118 27.25 -1.78 9.05
C TYR A 118 26.14 -2.43 8.22
N ASN A 119 25.04 -1.70 8.03
CA ASN A 119 23.92 -2.23 7.26
C ASN A 119 24.26 -2.35 5.78
N TYR A 120 23.95 -3.51 5.19
CA TYR A 120 24.14 -3.71 3.76
C TYR A 120 22.83 -3.44 3.02
N HIS A 121 21.79 -3.09 3.78
CA HIS A 121 20.54 -2.60 3.22
C HIS A 121 19.77 -3.66 2.42
N TYR A 122 19.70 -4.86 2.96
CA TYR A 122 18.82 -5.90 2.44
C TYR A 122 18.66 -7.01 3.48
N MET A 123 17.57 -7.76 3.38
CA MET A 123 17.26 -8.80 4.35
C MET A 123 17.73 -10.17 3.85
N ASP A 124 18.46 -10.89 4.70
CA ASP A 124 19.09 -12.14 4.28
C ASP A 124 18.60 -13.36 5.07
N VAL A 125 17.84 -13.14 6.12
CA VAL A 125 17.29 -14.24 6.91
C VAL A 125 15.88 -13.95 7.39
N TRP A 126 14.97 -14.89 7.12
CA TRP A 126 13.57 -14.75 7.51
C TRP A 126 13.12 -15.90 8.40
N GLY A 127 12.32 -15.59 9.42
CA GLY A 127 11.65 -16.61 10.19
C GLY A 127 10.43 -17.07 9.42
N LYS A 128 9.77 -18.12 9.90
CA LYS A 128 8.60 -18.62 9.20
C LYS A 128 7.37 -17.78 9.53
N GLY A 129 7.43 -17.06 10.64
CA GLY A 129 6.41 -16.08 10.98
C GLY A 129 5.47 -16.51 12.09
N THR A 130 4.85 -15.51 12.73
CA THR A 130 3.84 -15.75 13.74
C THR A 130 2.57 -15.01 13.34
N THR A 131 1.41 -15.60 13.64
CA THR A 131 0.14 -15.07 13.17
C THR A 131 -0.53 -14.16 14.20
N VAL A 132 -0.95 -12.98 13.73
CA VAL A 132 -1.69 -12.04 14.56
C VAL A 132 -3.04 -11.71 13.90
N THR A 133 -4.12 -11.96 14.62
CA THR A 133 -5.45 -11.67 14.12
C THR A 133 -6.21 -10.75 15.07
N VAL A 134 -6.67 -9.61 14.55
CA VAL A 134 -7.44 -8.67 15.34
C VAL A 134 -8.85 -8.56 14.77
N SER A 135 -9.83 -9.01 15.55
CA SER A 135 -11.21 -9.08 15.07
C SER A 135 -12.22 -8.81 16.18
N SER A 136 -13.36 -8.23 15.81
CA SER A 136 -14.44 -7.99 16.76
C SER A 136 -15.26 -9.25 16.98
N ALA A 137 -15.04 -10.24 16.12
CA ALA A 137 -15.77 -11.50 16.22
C ALA A 137 -15.47 -12.21 17.53
N SER A 138 -16.46 -12.91 18.07
CA SER A 138 -16.28 -13.66 19.30
C SER A 138 -16.03 -15.13 19.01
N THR A 139 -15.38 -15.82 19.95
CA THR A 139 -15.06 -17.23 19.79
C THR A 139 -16.30 -18.07 19.56
N LYS A 140 -16.20 -19.05 18.68
CA LYS A 140 -17.35 -19.87 18.31
C LYS A 140 -16.94 -21.22 17.74
N GLY A 141 -17.40 -22.29 18.38
CA GLY A 141 -17.15 -23.63 17.89
C GLY A 141 -17.85 -23.86 16.57
N PRO A 142 -17.35 -24.82 15.77
CA PRO A 142 -17.87 -25.07 14.44
C PRO A 142 -19.15 -25.90 14.43
N SER A 143 -19.99 -25.68 13.41
CA SER A 143 -21.11 -26.56 13.14
C SER A 143 -20.68 -27.56 12.06
N VAL A 144 -20.75 -28.84 12.37
CA VAL A 144 -20.30 -29.87 11.44
C VAL A 144 -21.47 -30.55 10.76
N PHE A 145 -21.52 -30.43 9.44
CA PHE A 145 -22.57 -31.08 8.65
C PHE A 145 -21.97 -32.12 7.73
N PRO A 146 -22.70 -33.22 7.51
CA PRO A 146 -22.20 -34.29 6.64
C PRO A 146 -22.34 -33.97 5.16
N LEU A 147 -21.31 -34.27 4.39
CA LEU A 147 -21.38 -34.18 2.95
C LEU A 147 -21.47 -35.60 2.40
N ALA A 148 -22.70 -36.10 2.33
CA ALA A 148 -22.96 -37.52 2.06
C ALA A 148 -22.64 -37.91 0.62
N PRO A 149 -22.08 -39.12 0.44
CA PRO A 149 -21.78 -39.63 -0.89
C PRO A 149 -23.04 -40.10 -1.61
N SER A 150 -23.14 -39.79 -2.90
CA SER A 150 -24.23 -40.27 -3.73
C SER A 150 -23.68 -40.69 -5.08
N SER A 151 -24.56 -41.07 -5.99
CA SER A 151 -24.15 -41.46 -7.33
C SER A 151 -23.53 -40.27 -8.06
N LYS A 152 -23.83 -39.06 -7.56
CA LYS A 152 -23.35 -37.84 -8.20
C LYS A 152 -22.03 -37.38 -7.59
N SER A 153 -21.40 -38.25 -6.81
CA SER A 153 -20.11 -37.93 -6.21
C SER A 153 -19.12 -39.08 -6.39
N THR A 154 -19.56 -40.15 -7.05
CA THR A 154 -18.70 -41.30 -7.29
C THR A 154 -17.95 -41.18 -8.60
N SER A 155 -16.80 -41.84 -8.69
CA SER A 155 -16.03 -41.91 -9.91
C SER A 155 -15.63 -43.36 -10.18
N GLY A 156 -16.59 -44.18 -10.54
CA GLY A 156 -16.35 -45.60 -10.75
C GLY A 156 -16.11 -46.33 -9.45
N GLY A 157 -14.92 -46.92 -9.32
CA GLY A 157 -14.58 -47.71 -8.15
C GLY A 157 -14.42 -46.88 -6.89
N THR A 158 -14.26 -45.57 -7.04
CA THR A 158 -14.05 -44.69 -5.90
C THR A 158 -15.21 -43.72 -5.71
N ALA A 159 -15.40 -43.26 -4.48
CA ALA A 159 -16.49 -42.33 -4.15
C ALA A 159 -16.01 -41.26 -3.18
N ALA A 160 -16.52 -40.05 -3.34
CA ALA A 160 -16.12 -38.94 -2.49
C ALA A 160 -17.20 -38.61 -1.45
N LEU A 161 -16.76 -38.43 -0.21
CA LEU A 161 -17.63 -38.00 0.88
C LEU A 161 -16.82 -37.11 1.80
N GLY A 162 -17.49 -36.28 2.60
CA GLY A 162 -16.77 -35.36 3.47
C GLY A 162 -17.58 -34.72 4.58
N CYS A 163 -17.00 -33.71 5.19
CA CYS A 163 -17.66 -32.95 6.26
C CYS A 163 -17.54 -31.45 6.03
N LEU A 164 -18.65 -30.74 6.21
CA LEU A 164 -18.65 -29.29 6.15
C LEU A 164 -18.49 -28.69 7.54
N VAL A 165 -17.38 -28.00 7.75
CA VAL A 165 -17.11 -27.37 9.04
C VAL A 165 -17.46 -25.88 8.97
N LYS A 166 -18.58 -25.52 9.56
CA LYS A 166 -19.23 -24.25 9.28
C LYS A 166 -19.24 -23.25 10.43
N ASP A 167 -18.92 -22.00 10.11
CA ASP A 167 -19.11 -20.86 11.02
C ASP A 167 -18.39 -21.00 12.35
N TYR A 168 -17.06 -21.07 12.30
CA TYR A 168 -16.27 -21.10 13.52
C TYR A 168 -15.31 -19.91 13.58
N PHE A 169 -14.83 -19.61 14.78
CA PHE A 169 -13.83 -18.56 14.97
C PHE A 169 -13.11 -18.76 16.30
N PRO A 170 -11.77 -18.57 16.30
CA PRO A 170 -10.98 -18.26 15.12
C PRO A 170 -10.37 -19.52 14.49
N GLU A 171 -9.45 -19.35 13.55
CA GLU A 171 -8.65 -20.46 13.07
C GLU A 171 -7.76 -20.95 14.20
N PRO A 172 -7.32 -22.21 14.13
CA PRO A 172 -7.60 -23.17 13.08
C PRO A 172 -8.52 -24.31 13.53
N VAL A 173 -9.07 -25.03 12.56
CA VAL A 173 -9.69 -26.32 12.83
C VAL A 173 -8.87 -27.39 12.14
N THR A 174 -8.74 -28.55 12.78
CA THR A 174 -8.06 -29.68 12.15
C THR A 174 -9.05 -30.82 11.97
N VAL A 175 -8.92 -31.55 10.88
CA VAL A 175 -9.83 -32.64 10.58
C VAL A 175 -9.09 -33.93 10.26
N SER A 176 -9.50 -35.01 10.91
CA SER A 176 -9.01 -36.34 10.59
C SER A 176 -10.19 -37.25 10.30
N TRP A 177 -9.92 -38.48 9.89
CA TRP A 177 -10.99 -39.40 9.54
C TRP A 177 -10.77 -40.77 10.18
N ASN A 178 -11.80 -41.26 10.88
CA ASN A 178 -11.71 -42.53 11.59
C ASN A 178 -10.56 -42.53 12.58
N SER A 179 -10.40 -41.42 13.29
CA SER A 179 -9.37 -41.27 14.31
C SER A 179 -7.97 -41.45 13.73
N GLY A 180 -7.77 -40.98 12.50
CA GLY A 180 -6.47 -41.04 11.86
C GLY A 180 -6.16 -42.34 11.17
N ALA A 181 -7.10 -43.29 11.23
CA ALA A 181 -6.94 -44.57 10.57
C ALA A 181 -7.07 -44.41 9.06
N LEU A 182 -7.78 -43.37 8.65
CA LEU A 182 -7.99 -43.08 7.24
C LEU A 182 -7.19 -41.85 6.82
N THR A 183 -6.08 -42.08 6.12
CA THR A 183 -5.19 -41.00 5.72
C THR A 183 -5.01 -40.90 4.21
N SER A 184 -5.46 -41.93 3.49
CA SER A 184 -5.35 -41.96 2.04
C SER A 184 -6.64 -41.50 1.38
N GLY A 185 -6.52 -40.69 0.33
CA GLY A 185 -7.67 -40.17 -0.36
C GLY A 185 -8.28 -39.00 0.37
N VAL A 186 -7.64 -38.60 1.47
CA VAL A 186 -8.13 -37.50 2.29
C VAL A 186 -7.55 -36.17 1.84
N HIS A 187 -8.40 -35.14 1.81
CA HIS A 187 -7.96 -33.79 1.50
C HIS A 187 -8.80 -32.76 2.24
N THR A 188 -8.14 -31.94 3.05
CA THR A 188 -8.81 -30.86 3.75
C THR A 188 -8.46 -29.53 3.12
N PHE A 189 -9.50 -28.78 2.74
CA PHE A 189 -9.30 -27.51 2.04
C PHE A 189 -9.11 -26.35 3.00
N PRO A 190 -8.37 -25.33 2.56
CA PRO A 190 -8.20 -24.09 3.33
C PRO A 190 -9.55 -23.43 3.62
N ALA A 191 -9.62 -22.66 4.70
CA ALA A 191 -10.87 -22.06 5.13
C ALA A 191 -11.23 -20.81 4.32
N VAL A 192 -12.51 -20.49 4.31
CA VAL A 192 -12.98 -19.21 3.77
C VAL A 192 -13.41 -18.30 4.91
N LEU A 193 -13.10 -17.02 4.81
CA LEU A 193 -13.58 -16.05 5.78
C LEU A 193 -14.81 -15.34 5.24
N GLN A 194 -15.97 -15.71 5.75
CA GLN A 194 -17.24 -15.16 5.30
C GLN A 194 -17.40 -13.72 5.81
N SER A 195 -18.32 -12.98 5.21
CA SER A 195 -18.56 -11.59 5.58
C SER A 195 -19.03 -11.45 7.02
N SER A 196 -19.43 -12.58 7.62
CA SER A 196 -19.89 -12.59 9.00
C SER A 196 -18.72 -12.54 9.97
N GLY A 197 -17.51 -12.72 9.44
CA GLY A 197 -16.32 -12.75 10.28
C GLY A 197 -16.01 -14.15 10.76
N LEU A 198 -16.90 -15.08 10.45
CA LEU A 198 -16.73 -16.48 10.84
C LEU A 198 -16.11 -17.29 9.69
N TYR A 199 -15.43 -18.37 10.04
CA TYR A 199 -14.78 -19.21 9.05
C TYR A 199 -15.59 -20.46 8.70
N SER A 200 -15.28 -21.04 7.55
CA SER A 200 -15.84 -22.32 7.14
C SER A 200 -14.83 -23.05 6.27
N LEU A 201 -14.80 -24.38 6.38
CA LEU A 201 -13.98 -25.19 5.49
C LEU A 201 -14.61 -26.56 5.29
N SER A 202 -14.05 -27.33 4.36
CA SER A 202 -14.54 -28.67 4.08
C SER A 202 -13.41 -29.68 4.06
N SER A 203 -13.70 -30.89 4.51
CA SER A 203 -12.75 -31.99 4.44
C SER A 203 -13.37 -33.15 3.66
N VAL A 204 -12.63 -33.68 2.70
CA VAL A 204 -13.17 -34.73 1.83
C VAL A 204 -12.27 -35.96 1.83
N VAL A 205 -12.87 -37.12 1.63
CA VAL A 205 -12.14 -38.37 1.55
C VAL A 205 -12.67 -39.23 0.41
N THR A 206 -11.75 -39.89 -0.30
CA THR A 206 -12.13 -40.77 -1.39
C THR A 206 -12.02 -42.22 -0.94
N VAL A 207 -13.13 -42.96 -1.08
CA VAL A 207 -13.18 -44.34 -0.61
C VAL A 207 -13.80 -45.25 -1.66
N PRO A 208 -13.58 -46.56 -1.52
CA PRO A 208 -14.18 -47.55 -2.43
C PRO A 208 -15.70 -47.44 -2.43
N SER A 209 -16.28 -47.29 -3.62
CA SER A 209 -17.73 -47.14 -3.75
C SER A 209 -18.46 -48.37 -3.23
N SER A 210 -17.82 -49.52 -3.35
CA SER A 210 -18.40 -50.78 -2.91
C SER A 210 -18.44 -50.90 -1.39
N SER A 211 -17.63 -50.09 -0.72
CA SER A 211 -17.50 -50.16 0.73
C SER A 211 -18.58 -49.37 1.47
N LEU A 212 -19.28 -48.51 0.74
CA LEU A 212 -20.37 -47.74 1.32
C LEU A 212 -21.47 -48.65 1.84
N GLY A 213 -21.97 -48.36 3.03
CA GLY A 213 -23.03 -49.16 3.63
C GLY A 213 -22.49 -50.32 4.46
N THR A 214 -21.19 -50.58 4.33
CA THR A 214 -20.54 -51.62 5.11
C THR A 214 -19.50 -51.00 6.04
N GLN A 215 -18.75 -50.04 5.52
CA GLN A 215 -17.74 -49.36 6.30
C GLN A 215 -18.27 -48.06 6.89
N THR A 216 -17.92 -47.80 8.14
CA THR A 216 -18.32 -46.55 8.79
C THR A 216 -17.29 -45.46 8.54
N TYR A 217 -17.77 -44.25 8.29
CA TYR A 217 -16.88 -43.12 8.06
C TYR A 217 -17.21 -41.96 9.00
N ILE A 218 -16.23 -41.59 9.81
CA ILE A 218 -16.39 -40.52 10.79
C ILE A 218 -15.30 -39.47 10.63
N CYS A 219 -15.69 -38.21 10.50
CA CYS A 219 -14.71 -37.14 10.45
C CYS A 219 -14.49 -36.58 11.86
N ASN A 220 -13.23 -36.51 12.27
CA ASN A 220 -12.88 -35.99 13.57
C ASN A 220 -12.45 -34.53 13.47
N VAL A 221 -13.37 -33.62 13.76
CA VAL A 221 -13.09 -32.20 13.71
C VAL A 221 -12.59 -31.71 15.07
N ASN A 222 -11.53 -30.90 15.06
CA ASN A 222 -10.94 -30.39 16.28
C ASN A 222 -10.79 -28.87 16.25
N HIS A 223 -11.41 -28.20 17.20
CA HIS A 223 -11.33 -26.75 17.29
C HIS A 223 -10.85 -26.34 18.69
N LYS A 224 -9.54 -26.34 18.87
CA LYS A 224 -8.93 -26.06 20.17
C LYS A 224 -9.26 -24.67 20.73
N PRO A 225 -9.28 -23.63 19.88
CA PRO A 225 -9.56 -22.27 20.36
C PRO A 225 -10.90 -22.16 21.09
N SER A 226 -11.76 -23.16 20.97
CA SER A 226 -13.02 -23.18 21.71
C SER A 226 -13.12 -24.43 22.57
N ASN A 227 -12.02 -25.19 22.62
CA ASN A 227 -11.99 -26.45 23.35
C ASN A 227 -13.09 -27.40 22.90
N THR A 228 -13.32 -27.45 21.59
CA THR A 228 -14.40 -28.26 21.04
C THR A 228 -13.88 -29.35 20.11
N LYS A 229 -14.43 -30.54 20.24
CA LYS A 229 -14.14 -31.63 19.32
C LYS A 229 -15.44 -32.29 18.87
N VAL A 230 -15.53 -32.58 17.58
CA VAL A 230 -16.74 -33.18 17.03
C VAL A 230 -16.45 -34.38 16.14
N ASP A 231 -17.01 -35.52 16.50
CA ASP A 231 -16.98 -36.70 15.65
C ASP A 231 -18.27 -36.77 14.85
N LYS A 232 -18.16 -36.72 13.53
CA LYS A 232 -19.33 -36.71 12.68
C LYS A 232 -19.40 -37.95 11.78
N LYS A 233 -20.46 -38.73 11.95
CA LYS A 233 -20.68 -39.91 11.11
C LYS A 233 -21.38 -39.49 9.82
N VAL A 234 -20.81 -39.90 8.69
CA VAL A 234 -21.35 -39.52 7.38
C VAL A 234 -22.09 -40.69 6.72
N GLU A 235 -23.41 -40.57 6.65
CA GLU A 235 -24.25 -41.61 6.08
C GLU A 235 -24.35 -41.50 4.57
N PRO A 236 -24.25 -42.63 3.86
CA PRO A 236 -24.39 -42.67 2.40
C PRO A 236 -25.83 -42.46 1.92
N LYS A 237 -25.99 -41.67 0.87
CA LYS A 237 -27.31 -41.43 0.28
C LYS A 237 -27.71 -42.57 -0.66
N SER A 238 -29.00 -42.66 -0.96
CA SER A 238 -29.50 -43.72 -1.83
C SER A 238 -29.64 -43.22 -3.27
N CYS A 239 -28.97 -42.11 -3.57
CA CYS A 239 -29.04 -41.53 -4.90
C CYS A 239 -27.95 -42.10 -5.81
N SER B 2 4.71 5.60 2.00
CA SER B 2 3.94 5.16 0.85
C SER B 2 4.70 4.13 0.03
N ALA B 3 4.09 2.98 -0.18
CA ALA B 3 4.73 1.86 -0.86
C ALA B 3 5.18 2.20 -2.28
N LEU B 4 6.17 1.47 -2.77
CA LEU B 4 6.66 1.64 -4.13
C LEU B 4 5.72 0.95 -5.12
N THR B 5 5.59 1.53 -6.31
CA THR B 5 4.63 1.05 -7.29
C THR B 5 5.20 -0.06 -8.18
N GLN B 6 4.52 -1.21 -8.18
CA GLN B 6 4.85 -2.30 -9.09
C GLN B 6 3.64 -2.65 -9.94
N PRO B 7 3.88 -3.30 -11.10
CA PRO B 7 2.76 -3.81 -11.89
C PRO B 7 2.08 -4.97 -11.15
N ALA B 8 0.75 -5.03 -11.22
CA ALA B 8 -0.01 -6.05 -10.51
C ALA B 8 0.42 -7.45 -10.92
N SER B 9 0.73 -7.63 -12.20
CA SER B 9 1.11 -8.95 -12.70
C SER B 9 1.87 -8.88 -14.02
N VAL B 10 2.78 -9.82 -14.22
CA VAL B 10 3.50 -9.97 -15.48
C VAL B 10 3.57 -11.45 -15.83
N SER B 11 3.76 -11.76 -17.11
CA SER B 11 3.78 -13.16 -17.53
C SER B 11 4.56 -13.36 -18.82
N GLY B 12 5.26 -14.48 -18.90
CA GLY B 12 5.98 -14.86 -20.10
C GLY B 12 6.00 -16.36 -20.26
N SER B 13 6.54 -16.83 -21.38
CA SER B 13 6.68 -18.26 -21.61
C SER B 13 8.09 -18.72 -21.25
N PRO B 14 8.25 -20.02 -21.00
CA PRO B 14 9.56 -20.59 -20.62
C PRO B 14 10.67 -20.23 -21.61
N GLY B 15 11.83 -19.84 -21.09
CA GLY B 15 12.96 -19.53 -21.92
C GLY B 15 13.11 -18.05 -22.25
N GLN B 16 12.00 -17.32 -22.27
CA GLN B 16 12.03 -15.91 -22.64
C GLN B 16 12.36 -15.05 -21.42
N SER B 17 12.52 -13.74 -21.65
CA SER B 17 12.90 -12.82 -20.59
C SER B 17 11.78 -11.86 -20.21
N ILE B 18 11.65 -11.60 -18.91
CA ILE B 18 10.64 -10.68 -18.40
C ILE B 18 11.28 -9.63 -17.50
N THR B 19 10.60 -8.48 -17.36
CA THR B 19 11.11 -7.41 -16.53
C THR B 19 10.02 -6.82 -15.63
N ILE B 20 10.33 -6.68 -14.35
CA ILE B 20 9.40 -6.07 -13.39
C ILE B 20 9.94 -4.73 -12.91
N SER B 21 9.13 -3.69 -13.03
CA SER B 21 9.55 -2.35 -12.65
C SER B 21 9.17 -2.01 -11.21
N CYS B 22 9.80 -0.98 -10.67
CA CYS B 22 9.59 -0.56 -9.28
C CYS B 22 9.84 0.92 -9.13
N ASN B 23 8.79 1.67 -8.90
CA ASN B 23 8.84 3.12 -9.02
C ASN B 23 8.78 3.81 -7.65
N GLY B 24 9.77 4.67 -7.37
CA GLY B 24 9.90 5.33 -6.09
C GLY B 24 10.08 6.84 -6.22
N THR B 25 10.79 7.45 -5.28
CA THR B 25 11.01 8.91 -5.31
C THR B 25 12.47 9.27 -5.08
N SER B 26 12.77 10.56 -5.08
CA SER B 26 14.13 11.04 -4.85
C SER B 26 14.61 10.68 -3.45
N ASN B 27 13.68 10.29 -2.59
CA ASN B 27 14.00 9.96 -1.19
C ASN B 27 14.01 8.46 -0.90
N ASP B 28 13.94 7.64 -1.94
CA ASP B 28 14.08 6.20 -1.78
C ASP B 28 14.81 5.57 -2.97
N VAL B 29 14.05 5.12 -3.96
CA VAL B 29 14.64 4.46 -5.13
C VAL B 29 15.65 5.35 -5.84
N GLY B 30 15.25 6.58 -6.16
CA GLY B 30 16.10 7.50 -6.89
C GLY B 30 17.19 8.13 -6.06
N GLY B 31 17.05 8.06 -4.74
CA GLY B 31 17.97 8.72 -3.84
C GLY B 31 19.17 7.87 -3.42
N TYR B 32 19.06 6.55 -3.59
CA TYR B 32 20.11 5.66 -3.14
C TYR B 32 20.32 4.47 -4.08
N GLU B 33 21.45 3.81 -3.94
CA GLU B 33 21.76 2.62 -4.72
C GLU B 33 21.50 1.38 -3.87
N SER B 34 20.41 1.42 -3.12
CA SER B 34 20.10 0.36 -2.17
C SER B 34 18.73 -0.25 -2.42
N VAL B 35 18.49 -0.67 -3.67
CA VAL B 35 17.25 -1.37 -4.01
C VAL B 35 17.50 -2.87 -3.99
N SER B 36 16.59 -3.61 -3.34
CA SER B 36 16.69 -5.06 -3.30
C SER B 36 15.40 -5.71 -3.77
N TRP B 37 15.50 -6.93 -4.26
CA TRP B 37 14.35 -7.67 -4.76
C TRP B 37 14.17 -8.98 -4.02
N TYR B 38 12.92 -9.40 -3.85
CA TYR B 38 12.63 -10.60 -3.08
C TYR B 38 11.58 -11.48 -3.76
N GLN B 39 11.86 -12.78 -3.77
CA GLN B 39 10.97 -13.76 -4.37
C GLN B 39 10.19 -14.50 -3.29
N GLN B 40 8.88 -14.59 -3.44
CA GLN B 40 8.05 -15.27 -2.45
C GLN B 40 7.15 -16.33 -3.08
N HIS B 41 7.35 -17.58 -2.68
CA HIS B 41 6.46 -18.67 -3.07
C HIS B 41 5.31 -18.76 -2.07
N PRO B 42 4.19 -19.36 -2.49
CA PRO B 42 3.00 -19.48 -1.64
C PRO B 42 3.27 -20.19 -0.32
N GLY B 43 2.86 -19.59 0.79
CA GLY B 43 3.06 -20.16 2.10
C GLY B 43 4.53 -20.21 2.50
N LYS B 44 5.30 -19.25 1.99
CA LYS B 44 6.74 -19.22 2.23
C LYS B 44 7.20 -17.80 2.54
N ALA B 45 8.31 -17.67 3.26
CA ALA B 45 8.92 -16.37 3.50
C ALA B 45 9.66 -15.93 2.24
N PRO B 46 9.76 -14.61 2.03
CA PRO B 46 10.47 -14.09 0.86
C PRO B 46 11.97 -14.42 0.89
N LYS B 47 12.55 -14.62 -0.28
CA LYS B 47 13.99 -14.84 -0.40
C LYS B 47 14.59 -13.80 -1.33
N VAL B 48 15.67 -13.16 -0.91
CA VAL B 48 16.31 -12.13 -1.71
C VAL B 48 16.99 -12.72 -2.94
N VAL B 49 16.85 -12.04 -4.06
CA VAL B 49 17.49 -12.48 -5.31
C VAL B 49 18.44 -11.39 -5.83
N ILE B 50 18.18 -10.15 -5.42
CA ILE B 50 19.01 -9.01 -5.84
C ILE B 50 19.10 -7.97 -4.73
N TYR B 51 20.27 -7.37 -4.57
CA TYR B 51 20.45 -6.29 -3.63
C TYR B 51 21.41 -5.24 -4.19
N ASP B 52 21.35 -4.02 -3.63
CA ASP B 52 22.14 -2.90 -4.14
C ASP B 52 21.89 -2.71 -5.64
N VAL B 53 20.61 -2.82 -6.01
CA VAL B 53 20.16 -2.57 -7.39
C VAL B 53 20.51 -3.69 -8.36
N SER B 54 21.75 -4.17 -8.34
CA SER B 54 22.20 -5.10 -9.37
C SER B 54 23.05 -6.27 -8.87
N LYS B 55 23.38 -6.26 -7.57
CA LYS B 55 24.21 -7.31 -7.02
C LYS B 55 23.40 -8.58 -6.74
N ARG B 56 24.03 -9.74 -6.97
CA ARG B 56 23.39 -11.02 -6.68
C ARG B 56 23.98 -11.67 -5.43
N PRO B 57 23.10 -12.10 -4.52
CA PRO B 57 23.55 -12.85 -3.34
C PRO B 57 24.21 -14.17 -3.73
N SER B 58 25.00 -14.75 -2.83
CA SER B 58 25.68 -16.01 -3.10
C SER B 58 24.68 -17.14 -3.31
N GLY B 59 24.80 -17.84 -4.43
CA GLY B 59 23.96 -18.99 -4.70
C GLY B 59 22.66 -18.64 -5.41
N VAL B 60 22.58 -17.43 -5.94
CA VAL B 60 21.41 -17.01 -6.71
C VAL B 60 21.70 -17.16 -8.20
N SER B 61 20.73 -17.71 -8.92
CA SER B 61 20.87 -17.94 -10.36
C SER B 61 21.25 -16.66 -11.10
N ASN B 62 22.13 -16.79 -12.08
CA ASN B 62 22.58 -15.64 -12.86
C ASN B 62 21.55 -15.24 -13.90
N ARG B 63 20.40 -15.93 -13.89
CA ARG B 63 19.28 -15.55 -14.74
C ARG B 63 18.62 -14.28 -14.21
N PHE B 64 18.79 -14.05 -12.90
CA PHE B 64 18.26 -12.86 -12.26
C PHE B 64 19.24 -11.69 -12.39
N SER B 65 18.74 -10.56 -12.89
CA SER B 65 19.54 -9.36 -12.99
C SER B 65 18.73 -8.14 -12.55
N GLY B 66 19.41 -7.07 -12.17
CA GLY B 66 18.75 -5.87 -11.70
C GLY B 66 19.39 -4.60 -12.21
N SER B 67 18.57 -3.56 -12.37
CA SER B 67 19.07 -2.27 -12.82
C SER B 67 18.21 -1.15 -12.27
N LYS B 68 18.57 0.09 -12.58
CA LYS B 68 17.82 1.25 -12.11
C LYS B 68 18.03 2.45 -13.03
N SER B 69 16.95 3.20 -13.23
CA SER B 69 17.01 4.42 -14.03
C SER B 69 16.12 5.48 -13.40
N GLY B 70 16.74 6.52 -12.85
CA GLY B 70 16.01 7.56 -12.17
C GLY B 70 15.26 7.03 -10.96
N ASN B 71 13.94 7.12 -11.01
CA ASN B 71 13.10 6.64 -9.91
C ASN B 71 12.57 5.23 -10.18
N THR B 72 12.96 4.65 -11.30
CA THR B 72 12.47 3.32 -11.67
C THR B 72 13.54 2.25 -11.54
N ALA B 73 13.31 1.32 -10.61
CA ALA B 73 14.17 0.14 -10.49
C ALA B 73 13.56 -1.00 -11.28
N SER B 74 14.39 -1.91 -11.78
CA SER B 74 13.91 -3.00 -12.60
C SER B 74 14.58 -4.33 -12.29
N LEU B 75 13.76 -5.37 -12.14
CA LEU B 75 14.23 -6.74 -12.01
C LEU B 75 13.97 -7.49 -13.30
N THR B 76 15.01 -8.11 -13.85
CA THR B 76 14.87 -8.86 -15.10
C THR B 76 15.18 -10.33 -14.89
N ILE B 77 14.29 -11.19 -15.37
CA ILE B 77 14.49 -12.63 -15.28
C ILE B 77 14.60 -13.24 -16.68
N SER B 78 15.78 -13.77 -17.00
CA SER B 78 16.00 -14.41 -18.28
C SER B 78 15.86 -15.93 -18.17
N GLY B 79 15.57 -16.57 -19.30
CA GLY B 79 15.39 -18.01 -19.33
C GLY B 79 14.33 -18.47 -18.35
N LEU B 80 13.12 -17.95 -18.51
CA LEU B 80 12.01 -18.23 -17.61
C LEU B 80 11.81 -19.73 -17.37
N GLN B 81 11.50 -20.06 -16.11
CA GLN B 81 11.22 -21.44 -15.73
C GLN B 81 10.00 -21.48 -14.82
N ALA B 82 9.34 -22.63 -14.77
CA ALA B 82 8.16 -22.80 -13.92
C ALA B 82 8.52 -22.56 -12.46
N GLU B 83 9.80 -22.79 -12.14
CA GLU B 83 10.31 -22.57 -10.79
C GLU B 83 10.23 -21.11 -10.38
N ASP B 84 10.18 -20.22 -11.37
CA ASP B 84 10.21 -18.78 -11.12
C ASP B 84 8.85 -18.21 -10.76
N GLU B 85 7.81 -19.04 -10.81
CA GLU B 85 6.45 -18.58 -10.50
C GLU B 85 6.31 -18.20 -9.03
N GLY B 86 5.72 -17.04 -8.79
CA GLY B 86 5.50 -16.54 -7.44
C GLY B 86 5.34 -15.03 -7.41
N ASP B 87 5.42 -14.46 -6.21
CA ASP B 87 5.33 -13.02 -6.05
C ASP B 87 6.71 -12.39 -5.91
N TYR B 88 6.87 -11.23 -6.53
CA TYR B 88 8.15 -10.52 -6.46
C TYR B 88 7.97 -9.12 -5.88
N TYR B 89 8.74 -8.82 -4.84
CA TYR B 89 8.68 -7.53 -4.18
C TYR B 89 10.01 -6.80 -4.27
N CYS B 90 9.96 -5.50 -4.57
CA CYS B 90 11.14 -4.66 -4.49
C CYS B 90 11.16 -3.99 -3.12
N LYS B 91 12.35 -3.58 -2.67
CA LYS B 91 12.48 -2.90 -1.40
C LYS B 91 13.56 -1.82 -1.49
N SER B 92 13.33 -0.70 -0.83
CA SER B 92 14.30 0.38 -0.85
C SER B 92 14.48 1.03 0.52
N LEU B 93 15.70 1.45 0.79
CA LEU B 93 15.99 2.32 1.92
C LEU B 93 15.41 3.69 1.65
N THR B 94 15.07 4.42 2.72
CA THR B 94 14.50 5.76 2.56
C THR B 94 15.39 6.81 3.22
N SER B 95 15.11 8.08 2.92
CA SER B 95 15.87 9.19 3.49
C SER B 95 15.63 9.31 4.98
N THR B 96 14.56 8.70 5.47
CA THR B 96 14.25 8.72 6.89
C THR B 96 14.81 7.48 7.59
N ARG B 97 15.75 6.82 6.92
CA ARG B 97 16.40 5.62 7.47
C ARG B 97 15.43 4.45 7.63
N ARG B 98 14.23 4.60 7.08
CA ARG B 98 13.25 3.53 7.09
C ARG B 98 13.43 2.62 5.88
N ARG B 99 12.64 1.57 5.80
CA ARG B 99 12.61 0.70 4.63
C ARG B 99 11.19 0.69 4.06
N VAL B 100 11.07 0.51 2.76
CA VAL B 100 9.76 0.45 2.13
C VAL B 100 9.68 -0.59 1.02
N PHE B 101 8.65 -1.43 1.08
CA PHE B 101 8.43 -2.47 0.09
C PHE B 101 7.57 -1.98 -1.07
N GLY B 102 7.68 -2.65 -2.21
CA GLY B 102 6.82 -2.39 -3.34
C GLY B 102 5.51 -3.14 -3.18
N THR B 103 4.52 -2.80 -4.00
CA THR B 103 3.21 -3.42 -3.91
C THR B 103 3.23 -4.89 -4.33
N GLY B 104 4.32 -5.31 -4.94
CA GLY B 104 4.49 -6.71 -5.32
C GLY B 104 3.93 -7.03 -6.69
N THR B 105 4.57 -7.97 -7.38
CA THR B 105 4.13 -8.38 -8.71
C THR B 105 3.94 -9.90 -8.79
N LYS B 106 2.75 -10.30 -9.22
CA LYS B 106 2.46 -11.72 -9.45
C LYS B 106 3.04 -12.17 -10.79
N LEU B 107 4.08 -13.01 -10.73
CA LEU B 107 4.68 -13.53 -11.94
C LEU B 107 4.11 -14.89 -12.31
N THR B 108 3.49 -14.97 -13.48
CA THR B 108 2.93 -16.22 -13.96
C THR B 108 3.74 -16.76 -15.13
N VAL B 109 4.17 -18.02 -15.02
CA VAL B 109 4.86 -18.67 -16.12
C VAL B 109 3.85 -19.42 -16.97
N LEU B 110 3.82 -19.12 -18.26
CA LEU B 110 2.77 -19.57 -19.16
C LEU B 110 3.18 -20.79 -19.97
N GLY B 111 2.24 -21.33 -20.74
CA GLY B 111 2.51 -22.44 -21.63
C GLY B 111 2.86 -23.75 -20.95
N GLN B 112 2.66 -23.82 -19.64
CA GLN B 112 2.95 -25.03 -18.88
C GLN B 112 1.95 -26.13 -19.22
N PRO B 113 2.35 -27.40 -18.99
CA PRO B 113 1.50 -28.57 -19.24
C PRO B 113 0.26 -28.59 -18.37
N LYS B 114 -0.90 -28.82 -18.99
CA LYS B 114 -2.19 -28.68 -18.33
C LYS B 114 -2.64 -29.91 -17.55
N ALA B 115 -3.38 -29.66 -16.48
CA ALA B 115 -4.08 -30.71 -15.74
C ALA B 115 -5.49 -30.23 -15.41
N ALA B 116 -6.49 -30.89 -15.98
CA ALA B 116 -7.88 -30.49 -15.79
C ALA B 116 -8.32 -30.72 -14.34
N PRO B 117 -9.23 -29.87 -13.85
CA PRO B 117 -9.69 -29.93 -12.46
C PRO B 117 -10.75 -30.99 -12.21
N SER B 118 -10.64 -31.67 -11.07
CA SER B 118 -11.71 -32.53 -10.58
C SER B 118 -12.67 -31.69 -9.76
N VAL B 119 -13.95 -31.76 -10.07
CA VAL B 119 -14.94 -30.94 -9.39
C VAL B 119 -16.00 -31.79 -8.70
N THR B 120 -16.19 -31.54 -7.40
CA THR B 120 -17.21 -32.25 -6.63
C THR B 120 -18.16 -31.25 -5.99
N LEU B 121 -19.45 -31.40 -6.27
CA LEU B 121 -20.44 -30.47 -5.77
C LEU B 121 -21.43 -31.14 -4.82
N PHE B 122 -21.47 -30.66 -3.57
CA PHE B 122 -22.40 -31.16 -2.57
C PHE B 122 -23.54 -30.17 -2.34
N PRO B 123 -24.79 -30.66 -2.38
CA PRO B 123 -25.95 -29.84 -2.03
C PRO B 123 -26.06 -29.66 -0.52
N PRO B 124 -27.00 -28.83 -0.06
CA PRO B 124 -27.20 -28.63 1.38
C PRO B 124 -27.64 -29.91 2.06
N SER B 125 -27.03 -30.23 3.19
CA SER B 125 -27.44 -31.39 3.97
C SER B 125 -28.81 -31.12 4.59
N SER B 126 -29.55 -32.19 4.88
CA SER B 126 -30.85 -32.04 5.50
C SER B 126 -30.71 -31.42 6.89
N GLU B 127 -29.62 -31.76 7.58
CA GLU B 127 -29.35 -31.21 8.91
C GLU B 127 -29.23 -29.69 8.87
N GLU B 128 -28.44 -29.19 7.93
CA GLU B 128 -28.27 -27.74 7.80
C GLU B 128 -29.60 -27.09 7.42
N LEU B 129 -30.37 -27.77 6.58
CA LEU B 129 -31.68 -27.28 6.17
C LEU B 129 -32.62 -27.14 7.37
N GLN B 130 -32.55 -28.09 8.29
CA GLN B 130 -33.33 -28.02 9.52
C GLN B 130 -32.90 -26.82 10.36
N ALA B 131 -31.63 -26.45 10.25
CA ALA B 131 -31.09 -25.29 10.97
C ALA B 131 -31.45 -24.00 10.24
N ASN B 132 -32.34 -24.10 9.27
CA ASN B 132 -32.82 -22.94 8.52
C ASN B 132 -31.71 -22.27 7.73
N LYS B 133 -30.71 -23.05 7.32
CA LYS B 133 -29.63 -22.55 6.48
C LYS B 133 -29.36 -23.49 5.32
N ALA B 134 -28.51 -23.05 4.39
CA ALA B 134 -28.21 -23.84 3.20
C ALA B 134 -26.89 -23.41 2.58
N THR B 135 -26.00 -24.37 2.36
CA THR B 135 -24.72 -24.09 1.73
C THR B 135 -24.40 -25.10 0.64
N LEU B 136 -24.14 -24.59 -0.56
CA LEU B 136 -23.65 -25.43 -1.66
C LEU B 136 -22.12 -25.45 -1.62
N VAL B 137 -21.56 -26.65 -1.62
CA VAL B 137 -20.11 -26.80 -1.50
C VAL B 137 -19.49 -27.34 -2.78
N CYS B 138 -18.73 -26.49 -3.46
CA CYS B 138 -18.03 -26.88 -4.67
C CYS B 138 -16.54 -27.02 -4.40
N LEU B 139 -16.02 -28.24 -4.55
CA LEU B 139 -14.62 -28.50 -4.26
C LEU B 139 -13.84 -28.84 -5.52
N ILE B 140 -12.77 -28.09 -5.76
CA ILE B 140 -11.97 -28.23 -6.98
C ILE B 140 -10.56 -28.69 -6.64
N SER B 141 -10.09 -29.75 -7.31
CA SER B 141 -8.81 -30.35 -6.96
C SER B 141 -8.02 -30.87 -8.16
N ASP B 142 -6.73 -31.09 -7.93
CA ASP B 142 -5.86 -31.78 -8.88
C ASP B 142 -5.76 -31.08 -10.24
N PHE B 143 -5.75 -29.75 -10.23
CA PHE B 143 -5.59 -29.00 -11.46
C PHE B 143 -4.26 -28.25 -11.49
N TYR B 144 -3.82 -27.91 -12.70
CA TYR B 144 -2.58 -27.18 -12.91
C TYR B 144 -2.58 -26.61 -14.33
N PRO B 145 -2.14 -25.36 -14.50
CA PRO B 145 -1.58 -24.45 -13.48
C PRO B 145 -2.59 -24.03 -12.40
N GLY B 146 -2.11 -23.26 -11.43
CA GLY B 146 -2.93 -22.87 -10.29
C GLY B 146 -3.79 -21.65 -10.52
N ALA B 147 -4.41 -21.59 -11.71
CA ALA B 147 -5.30 -20.49 -12.03
C ALA B 147 -6.66 -21.02 -12.48
N VAL B 148 -7.71 -20.62 -11.77
CA VAL B 148 -9.06 -21.07 -12.10
C VAL B 148 -10.07 -19.94 -11.92
N THR B 149 -11.23 -20.10 -12.54
CA THR B 149 -12.33 -19.16 -12.36
C THR B 149 -13.61 -19.92 -11.99
N VAL B 150 -14.27 -19.47 -10.93
CA VAL B 150 -15.45 -20.15 -10.44
C VAL B 150 -16.69 -19.27 -10.59
N ALA B 151 -17.71 -19.82 -11.25
CA ALA B 151 -18.98 -19.11 -11.43
C ALA B 151 -20.15 -19.99 -11.01
N TRP B 152 -21.17 -19.36 -10.43
CA TRP B 152 -22.34 -20.09 -9.96
C TRP B 152 -23.59 -19.74 -10.75
N LYS B 153 -24.44 -20.73 -10.98
CA LYS B 153 -25.68 -20.53 -11.73
C LYS B 153 -26.89 -21.01 -10.94
N ALA B 154 -27.93 -20.18 -10.88
CA ALA B 154 -29.22 -20.60 -10.36
C ALA B 154 -30.13 -20.91 -11.54
N ASP B 155 -30.46 -22.19 -11.72
CA ASP B 155 -31.10 -22.65 -12.94
C ASP B 155 -30.21 -22.30 -14.13
N SER B 156 -30.62 -21.31 -14.92
CA SER B 156 -29.84 -20.87 -16.07
C SER B 156 -29.26 -19.48 -15.84
N SER B 157 -29.63 -18.86 -14.71
CA SER B 157 -29.22 -17.49 -14.42
C SER B 157 -27.96 -17.42 -13.56
N PRO B 158 -27.05 -16.48 -13.88
CA PRO B 158 -25.83 -16.25 -13.13
C PRO B 158 -26.09 -15.80 -11.70
N VAL B 159 -25.26 -16.27 -10.77
CA VAL B 159 -25.37 -15.87 -9.38
C VAL B 159 -24.02 -15.48 -8.81
N LYS B 160 -23.99 -14.38 -8.07
CA LYS B 160 -22.76 -13.92 -7.43
C LYS B 160 -22.98 -13.70 -5.94
N ALA B 161 -24.23 -13.44 -5.58
CA ALA B 161 -24.60 -13.20 -4.18
C ALA B 161 -24.43 -14.45 -3.34
N GLY B 162 -23.81 -14.27 -2.16
CA GLY B 162 -23.62 -15.38 -1.24
C GLY B 162 -22.47 -16.29 -1.62
N VAL B 163 -21.69 -15.87 -2.61
CA VAL B 163 -20.57 -16.67 -3.09
C VAL B 163 -19.28 -16.33 -2.36
N GLU B 164 -18.63 -17.37 -1.81
CA GLU B 164 -17.32 -17.22 -1.17
C GLU B 164 -16.37 -18.24 -1.77
N THR B 165 -15.24 -17.78 -2.28
CA THR B 165 -14.30 -18.65 -2.97
C THR B 165 -12.87 -18.45 -2.49
N THR B 166 -12.14 -19.54 -2.28
CA THR B 166 -10.76 -19.48 -1.85
C THR B 166 -9.81 -19.31 -3.03
N THR B 167 -8.67 -18.69 -2.77
CA THR B 167 -7.58 -18.66 -3.74
C THR B 167 -6.95 -20.04 -3.82
N PRO B 168 -6.57 -20.47 -5.02
CA PRO B 168 -5.98 -21.80 -5.20
C PRO B 168 -4.68 -21.95 -4.41
N SER B 169 -4.48 -23.11 -3.80
CA SER B 169 -3.25 -23.38 -3.05
C SER B 169 -2.62 -24.68 -3.52
N LYS B 170 -1.31 -24.79 -3.35
CA LYS B 170 -0.58 -25.98 -3.77
C LYS B 170 -0.89 -27.17 -2.86
N GLN B 171 -1.09 -28.33 -3.48
CA GLN B 171 -1.32 -29.57 -2.73
C GLN B 171 0.00 -30.25 -2.41
N SER B 172 -0.06 -31.31 -1.61
CA SER B 172 1.12 -32.10 -1.29
C SER B 172 1.68 -32.74 -2.56
N ASN B 173 0.79 -33.01 -3.51
CA ASN B 173 1.18 -33.61 -4.79
C ASN B 173 1.67 -32.56 -5.79
N ASN B 174 1.88 -31.35 -5.28
CA ASN B 174 2.39 -30.24 -6.09
C ASN B 174 1.42 -29.80 -7.19
N LYS B 175 0.16 -30.18 -7.04
CA LYS B 175 -0.91 -29.66 -7.88
C LYS B 175 -1.75 -28.68 -7.07
N TYR B 176 -2.75 -28.09 -7.68
CA TYR B 176 -3.55 -27.07 -6.99
C TYR B 176 -4.94 -27.55 -6.60
N ALA B 177 -5.50 -26.92 -5.58
CA ALA B 177 -6.85 -27.18 -5.13
C ALA B 177 -7.51 -25.88 -4.68
N ALA B 178 -8.84 -25.85 -4.74
CA ALA B 178 -9.59 -24.68 -4.32
C ALA B 178 -11.01 -25.06 -3.97
N SER B 179 -11.75 -24.14 -3.39
CA SER B 179 -13.13 -24.42 -2.98
C SER B 179 -14.00 -23.18 -3.13
N SER B 180 -15.29 -23.40 -3.33
CA SER B 180 -16.25 -22.30 -3.42
C SER B 180 -17.53 -22.65 -2.69
N TYR B 181 -18.12 -21.66 -2.03
CA TYR B 181 -19.33 -21.87 -1.26
C TYR B 181 -20.44 -20.92 -1.70
N LEU B 182 -21.65 -21.45 -1.83
CA LEU B 182 -22.81 -20.62 -2.12
C LEU B 182 -23.82 -20.72 -0.98
N SER B 183 -24.02 -19.62 -0.28
CA SER B 183 -24.96 -19.59 0.84
C SER B 183 -26.34 -19.13 0.39
N LEU B 184 -27.34 -19.96 0.66
CA LEU B 184 -28.71 -19.65 0.30
C LEU B 184 -29.63 -19.78 1.50
N THR B 185 -30.85 -19.30 1.35
CA THR B 185 -31.92 -19.63 2.29
C THR B 185 -32.55 -20.93 1.80
N PRO B 186 -33.14 -21.70 2.73
CA PRO B 186 -33.86 -22.91 2.33
C PRO B 186 -34.90 -22.61 1.26
N GLU B 187 -35.55 -21.45 1.38
CA GLU B 187 -36.55 -21.03 0.40
C GLU B 187 -35.93 -20.83 -0.99
N GLN B 188 -34.79 -20.13 -1.02
CA GLN B 188 -34.07 -19.92 -2.27
C GLN B 188 -33.66 -21.25 -2.89
N TRP B 189 -33.15 -22.14 -2.05
CA TRP B 189 -32.75 -23.48 -2.49
C TRP B 189 -33.92 -24.24 -3.11
N LYS B 190 -35.07 -24.20 -2.45
CA LYS B 190 -36.26 -24.88 -2.93
C LYS B 190 -36.90 -24.15 -4.10
N SER B 191 -36.59 -22.86 -4.23
CA SER B 191 -37.23 -22.00 -5.22
C SER B 191 -36.74 -22.25 -6.65
N HIS B 192 -35.63 -22.97 -6.79
CA HIS B 192 -35.07 -23.25 -8.10
C HIS B 192 -35.00 -24.74 -8.37
N LYS B 193 -34.96 -25.11 -9.65
CA LYS B 193 -34.94 -26.52 -10.02
C LYS B 193 -33.53 -27.09 -10.00
N SER B 194 -32.53 -26.22 -10.14
CA SER B 194 -31.14 -26.66 -10.10
C SER B 194 -30.17 -25.52 -9.84
N TYR B 195 -29.03 -25.87 -9.23
CA TYR B 195 -27.92 -24.95 -9.06
C TYR B 195 -26.66 -25.56 -9.67
N SER B 196 -25.80 -24.74 -10.24
CA SER B 196 -24.62 -25.24 -10.92
C SER B 196 -23.33 -24.53 -10.51
N CYS B 197 -22.27 -25.32 -10.33
CA CYS B 197 -20.95 -24.79 -10.05
C CYS B 197 -20.06 -24.94 -11.28
N GLN B 198 -19.63 -23.83 -11.84
CA GLN B 198 -18.85 -23.83 -13.08
C GLN B 198 -17.39 -23.45 -12.85
N VAL B 199 -16.49 -24.38 -13.15
CA VAL B 199 -15.06 -24.13 -12.96
C VAL B 199 -14.33 -24.00 -14.29
N THR B 200 -13.91 -22.79 -14.61
CA THR B 200 -13.16 -22.55 -15.84
C THR B 200 -11.66 -22.66 -15.60
N HIS B 201 -10.97 -23.33 -16.52
CA HIS B 201 -9.55 -23.59 -16.37
C HIS B 201 -8.90 -23.80 -17.74
N GLU B 202 -8.11 -22.81 -18.16
CA GLU B 202 -7.37 -22.89 -19.42
C GLU B 202 -8.29 -23.08 -20.62
N GLY B 203 -9.29 -22.21 -20.75
CA GLY B 203 -10.19 -22.23 -21.89
C GLY B 203 -11.17 -23.39 -21.90
N SER B 204 -11.26 -24.10 -20.79
CA SER B 204 -12.20 -25.21 -20.65
C SER B 204 -12.99 -25.08 -19.35
N THR B 205 -14.28 -25.40 -19.41
CA THR B 205 -15.14 -25.26 -18.24
C THR B 205 -15.76 -26.59 -17.82
N VAL B 206 -15.55 -26.96 -16.56
CA VAL B 206 -16.15 -28.14 -15.98
C VAL B 206 -17.27 -27.74 -15.03
N GLU B 207 -18.49 -28.21 -15.31
CA GLU B 207 -19.65 -27.81 -14.54
C GLU B 207 -20.31 -28.98 -13.82
N LYS B 208 -20.62 -28.79 -12.55
CA LYS B 208 -21.36 -29.78 -11.77
C LYS B 208 -22.69 -29.18 -11.30
N THR B 209 -23.73 -30.01 -11.26
CA THR B 209 -25.07 -29.53 -10.94
C THR B 209 -25.71 -30.29 -9.79
N VAL B 210 -26.48 -29.58 -8.97
CA VAL B 210 -27.29 -30.20 -7.94
C VAL B 210 -28.72 -29.66 -8.01
N ALA B 211 -29.66 -30.46 -7.53
CA ALA B 211 -31.07 -30.07 -7.55
C ALA B 211 -31.76 -30.46 -6.24
N PRO B 212 -32.64 -29.58 -5.75
CA PRO B 212 -33.41 -29.86 -4.53
C PRO B 212 -34.32 -31.06 -4.72
N THR B 213 -34.67 -31.35 -5.97
CA THR B 213 -35.57 -32.44 -6.30
C THR B 213 -34.90 -33.81 -6.24
N GLU B 214 -33.58 -33.80 -6.07
CA GLU B 214 -32.81 -35.05 -6.06
C GLU B 214 -32.32 -35.41 -4.67
N CYS B 215 -33.10 -36.24 -3.97
CA CYS B 215 -32.72 -36.76 -2.66
C CYS B 215 -32.40 -35.65 -1.67
N ARG C 2 -6.77 -4.07 -4.34
CA ARG C 2 -5.70 -3.18 -4.77
C ARG C 2 -5.97 -2.57 -6.13
N LEU C 3 -5.58 -1.30 -6.29
CA LEU C 3 -5.72 -0.59 -7.55
C LEU C 3 -4.39 0.01 -7.97
N VAL C 4 -3.97 -0.25 -9.21
CA VAL C 4 -2.69 0.24 -9.70
C VAL C 4 -2.86 1.02 -11.01
N GLU C 5 -2.62 2.33 -10.95
CA GLU C 5 -2.71 3.18 -12.14
C GLU C 5 -1.42 3.14 -12.95
N SER C 6 -1.53 3.45 -14.24
CA SER C 6 -0.36 3.58 -15.10
C SER C 6 -0.73 4.30 -16.40
N GLY C 7 0.28 4.67 -17.17
CA GLY C 7 0.06 5.34 -18.44
C GLY C 7 0.29 6.84 -18.38
N GLY C 8 0.63 7.34 -17.20
CA GLY C 8 0.88 8.75 -17.01
C GLY C 8 2.14 9.22 -17.71
N GLY C 9 2.25 10.53 -17.92
CA GLY C 9 3.42 11.09 -18.58
C GLY C 9 3.37 12.59 -18.78
N VAL C 10 4.40 13.12 -19.43
CA VAL C 10 4.49 14.54 -19.72
C VAL C 10 4.19 14.81 -21.19
N VAL C 11 3.26 15.71 -21.46
CA VAL C 11 2.84 15.98 -22.82
C VAL C 11 2.62 17.47 -23.08
N GLN C 12 2.55 17.84 -24.35
CA GLN C 12 2.20 19.21 -24.73
C GLN C 12 0.68 19.33 -24.81
N PRO C 13 0.17 20.56 -24.66
CA PRO C 13 -1.26 20.82 -24.75
C PRO C 13 -1.86 20.33 -26.07
N GLY C 14 -3.03 19.72 -26.01
CA GLY C 14 -3.69 19.23 -27.21
C GLY C 14 -3.38 17.78 -27.51
N SER C 15 -2.44 17.21 -26.76
CA SER C 15 -2.04 15.82 -26.95
C SER C 15 -3.06 14.86 -26.35
N SER C 16 -2.84 13.57 -26.58
CA SER C 16 -3.73 12.55 -26.04
C SER C 16 -2.99 11.60 -25.09
N LEU C 17 -3.76 10.87 -24.28
CA LEU C 17 -3.18 10.00 -23.27
C LEU C 17 -4.24 9.05 -22.75
N ARG C 18 -3.88 7.78 -22.57
CA ARG C 18 -4.80 6.79 -22.03
C ARG C 18 -4.28 6.23 -20.71
N LEU C 19 -4.99 6.52 -19.62
CA LEU C 19 -4.64 5.98 -18.32
C LEU C 19 -5.30 4.62 -18.12
N SER C 20 -4.57 3.71 -17.50
CA SER C 20 -5.13 2.40 -17.18
C SER C 20 -5.04 2.14 -15.69
N CYS C 21 -5.99 1.35 -15.18
CA CYS C 21 -6.02 1.01 -13.76
C CYS C 21 -6.25 -0.48 -13.57
N ALA C 22 -5.24 -1.17 -13.05
CA ALA C 22 -5.33 -2.60 -12.81
C ALA C 22 -5.90 -2.88 -11.42
N ALA C 23 -7.01 -3.60 -11.38
CA ALA C 23 -7.68 -3.90 -10.13
C ALA C 23 -7.56 -5.38 -9.77
N SER C 24 -7.30 -5.66 -8.50
CA SER C 24 -7.20 -7.02 -8.02
C SER C 24 -7.64 -7.13 -6.57
N GLY C 25 -7.93 -8.36 -6.12
CA GLY C 25 -8.29 -8.59 -4.74
C GLY C 25 -9.78 -8.44 -4.45
N PHE C 26 -10.58 -8.32 -5.51
CA PHE C 26 -12.03 -8.22 -5.37
C PHE C 26 -12.73 -8.43 -6.71
N ASP C 27 -14.05 -8.55 -6.66
CA ASP C 27 -14.83 -8.76 -7.88
C ASP C 27 -15.06 -7.44 -8.60
N PHE C 28 -14.18 -7.15 -9.56
CA PHE C 28 -14.22 -5.90 -10.31
C PHE C 28 -15.55 -5.71 -11.05
N SER C 29 -16.14 -6.81 -11.49
CA SER C 29 -17.35 -6.77 -12.32
C SER C 29 -18.59 -6.35 -11.54
N ARG C 30 -18.49 -6.29 -10.22
CA ARG C 30 -19.66 -6.02 -9.39
C ARG C 30 -19.66 -4.60 -8.79
N GLN C 31 -18.54 -3.90 -8.89
CA GLN C 31 -18.42 -2.61 -8.22
C GLN C 31 -18.21 -1.45 -9.20
N GLY C 32 -18.74 -0.29 -8.84
CA GLY C 32 -18.54 0.93 -9.61
C GLY C 32 -17.14 1.48 -9.39
N MET C 33 -16.67 2.31 -10.32
CA MET C 33 -15.31 2.82 -10.26
C MET C 33 -15.23 4.32 -10.56
N HIS C 34 -14.33 5.00 -9.86
CA HIS C 34 -14.13 6.44 -10.06
C HIS C 34 -12.73 6.76 -10.57
N TRP C 35 -12.61 7.87 -11.29
CA TRP C 35 -11.33 8.51 -11.51
C TRP C 35 -11.33 9.84 -10.75
N VAL C 36 -10.32 10.04 -9.90
CA VAL C 36 -10.19 11.28 -9.16
C VAL C 36 -8.78 11.84 -9.36
N ARG C 37 -8.68 13.16 -9.51
CA ARG C 37 -7.39 13.78 -9.76
C ARG C 37 -7.04 14.83 -8.72
N GLN C 38 -5.75 15.12 -8.59
CA GLN C 38 -5.27 16.09 -7.62
C GLN C 38 -4.03 16.82 -8.13
N ALA C 39 -4.19 18.11 -8.43
CA ALA C 39 -3.07 18.92 -8.88
C ALA C 39 -2.10 19.17 -7.74
N PRO C 40 -0.83 19.42 -8.07
CA PRO C 40 0.25 19.63 -7.09
C PRO C 40 -0.11 20.68 -6.04
N GLY C 41 -0.22 20.26 -4.79
CA GLY C 41 -0.51 21.16 -3.69
C GLY C 41 -1.93 21.71 -3.69
N GLN C 42 -2.84 21.02 -4.36
CA GLN C 42 -4.23 21.44 -4.42
C GLN C 42 -5.16 20.32 -3.95
N GLY C 43 -6.46 20.58 -4.00
CA GLY C 43 -7.44 19.66 -3.46
C GLY C 43 -7.92 18.58 -4.43
N LEU C 44 -8.62 17.58 -3.88
CA LEU C 44 -9.17 16.50 -4.68
C LEU C 44 -10.24 17.02 -5.64
N GLU C 45 -10.24 16.49 -6.86
CA GLU C 45 -11.27 16.82 -7.83
C GLU C 45 -11.80 15.57 -8.52
N TRP C 46 -13.07 15.27 -8.30
CA TRP C 46 -13.71 14.12 -8.94
C TRP C 46 -13.71 14.29 -10.45
N VAL C 47 -13.24 13.28 -11.15
CA VAL C 47 -13.12 13.34 -12.61
C VAL C 47 -14.26 12.60 -13.30
N ALA C 48 -14.48 11.33 -12.90
CA ALA C 48 -15.52 10.53 -13.54
C ALA C 48 -15.88 9.29 -12.73
N PHE C 49 -17.05 8.71 -13.06
CA PHE C 49 -17.51 7.47 -12.45
C PHE C 49 -18.12 6.54 -13.49
N ILE C 50 -17.96 5.24 -13.30
CA ILE C 50 -18.57 4.26 -14.19
C ILE C 50 -19.25 3.14 -13.39
N LYS C 51 -20.46 2.79 -13.81
CA LYS C 51 -21.23 1.74 -13.16
C LYS C 51 -20.55 0.38 -13.32
N TYR C 52 -20.91 -0.56 -12.46
CA TYR C 52 -20.25 -1.87 -12.42
C TYR C 52 -20.29 -2.60 -13.76
N ASP C 53 -21.38 -2.42 -14.51
CA ASP C 53 -21.52 -3.09 -15.80
C ASP C 53 -21.26 -2.13 -16.96
N GLY C 54 -20.78 -0.93 -16.64
CA GLY C 54 -20.42 0.06 -17.64
C GLY C 54 -21.60 0.60 -18.42
N SER C 55 -22.81 0.33 -17.93
CA SER C 55 -24.02 0.82 -18.59
C SER C 55 -24.20 2.31 -18.35
N GLU C 56 -23.61 2.81 -17.27
CA GLU C 56 -23.68 4.22 -16.93
C GLU C 56 -22.30 4.82 -16.69
N LYS C 57 -22.08 6.02 -17.21
CA LYS C 57 -20.84 6.74 -16.96
C LYS C 57 -21.15 8.22 -16.74
N TYR C 58 -20.42 8.83 -15.81
CA TYR C 58 -20.62 10.25 -15.49
C TYR C 58 -19.29 10.97 -15.41
N HIS C 59 -19.25 12.20 -15.94
CA HIS C 59 -18.02 12.98 -15.97
C HIS C 59 -18.23 14.37 -15.38
N ALA C 60 -17.16 14.91 -14.80
CA ALA C 60 -17.20 16.26 -14.24
C ALA C 60 -17.38 17.28 -15.37
N ASP C 61 -17.99 18.42 -15.03
CA ASP C 61 -18.29 19.45 -16.01
C ASP C 61 -17.02 20.00 -16.66
N SER C 62 -15.93 20.03 -15.89
CA SER C 62 -14.68 20.63 -16.37
C SER C 62 -13.91 19.73 -17.33
N VAL C 63 -14.27 18.45 -17.39
CA VAL C 63 -13.55 17.51 -18.23
C VAL C 63 -14.45 16.88 -19.30
N TRP C 64 -15.73 17.25 -19.28
CA TRP C 64 -16.72 16.66 -20.18
C TRP C 64 -16.37 16.89 -21.64
N GLY C 65 -16.29 15.81 -22.41
CA GLY C 65 -16.02 15.89 -23.83
C GLY C 65 -14.56 15.78 -24.19
N ARG C 66 -13.70 15.82 -23.17
CA ARG C 66 -12.26 15.70 -23.40
C ARG C 66 -11.70 14.45 -22.73
N LEU C 67 -12.03 14.25 -21.47
CA LEU C 67 -11.67 13.02 -20.76
C LEU C 67 -12.89 12.11 -20.66
N SER C 68 -12.69 10.82 -20.88
CA SER C 68 -13.79 9.87 -20.82
C SER C 68 -13.39 8.55 -20.17
N ILE C 69 -14.28 8.04 -19.31
CA ILE C 69 -14.01 6.81 -18.58
C ILE C 69 -14.61 5.60 -19.28
N SER C 70 -13.91 4.46 -19.17
CA SER C 70 -14.40 3.19 -19.68
C SER C 70 -13.82 2.05 -18.86
N ARG C 71 -14.34 0.84 -19.05
CA ARG C 71 -13.88 -0.30 -18.27
C ARG C 71 -13.98 -1.61 -19.03
N ASP C 72 -13.13 -2.56 -18.66
CA ASP C 72 -13.18 -3.91 -19.21
C ASP C 72 -13.12 -4.92 -18.07
N ASN C 73 -14.25 -5.56 -17.79
CA ASN C 73 -14.35 -6.49 -16.67
C ASN C 73 -13.70 -7.83 -16.94
N SER C 74 -13.43 -8.12 -18.22
CA SER C 74 -12.75 -9.35 -18.59
C SER C 74 -11.26 -9.23 -18.31
N LYS C 75 -10.78 -8.00 -18.24
CA LYS C 75 -9.37 -7.73 -17.93
C LYS C 75 -9.22 -7.12 -16.54
N ASP C 76 -10.35 -6.94 -15.86
CA ASP C 76 -10.36 -6.27 -14.55
C ASP C 76 -9.60 -4.96 -14.63
N THR C 77 -9.88 -4.18 -15.67
CA THR C 77 -9.14 -2.95 -15.92
C THR C 77 -10.06 -1.75 -16.10
N LEU C 78 -9.68 -0.63 -15.49
CA LEU C 78 -10.40 0.62 -15.67
C LEU C 78 -9.57 1.56 -16.54
N TYR C 79 -10.23 2.24 -17.48
CA TYR C 79 -9.53 3.11 -18.42
C TYR C 79 -10.00 4.56 -18.34
N LEU C 80 -9.09 5.48 -18.61
CA LEU C 80 -9.44 6.88 -18.77
C LEU C 80 -8.79 7.43 -20.03
N GLN C 81 -9.58 7.66 -21.06
CA GLN C 81 -9.08 8.23 -22.31
C GLN C 81 -9.00 9.75 -22.19
N MET C 82 -7.81 10.30 -22.42
CA MET C 82 -7.59 11.73 -22.29
C MET C 82 -7.27 12.38 -23.62
N ASN C 83 -8.17 13.23 -24.10
CA ASN C 83 -7.98 13.94 -25.36
C ASN C 83 -8.03 15.45 -25.18
N SER C 84 -7.45 16.17 -26.13
CA SER C 84 -7.43 17.64 -26.10
C SER C 84 -6.93 18.15 -24.76
N LEU C 85 -5.81 17.60 -24.30
CA LEU C 85 -5.28 17.89 -22.98
C LEU C 85 -4.95 19.38 -22.79
N ARG C 86 -5.28 19.88 -21.61
CA ARG C 86 -5.00 21.26 -21.25
C ARG C 86 -4.04 21.33 -20.08
N VAL C 87 -3.46 22.50 -19.84
CA VAL C 87 -2.52 22.68 -18.75
C VAL C 87 -3.15 22.37 -17.40
N GLU C 88 -4.42 22.75 -17.24
CA GLU C 88 -5.11 22.55 -15.97
C GLU C 88 -5.42 21.09 -15.70
N ASP C 89 -5.22 20.24 -16.70
CA ASP C 89 -5.39 18.80 -16.52
C ASP C 89 -4.19 18.20 -15.83
N THR C 90 -3.14 19.00 -15.64
CA THR C 90 -1.95 18.58 -14.92
C THR C 90 -2.30 18.17 -13.50
N ALA C 91 -2.05 16.91 -13.16
CA ALA C 91 -2.39 16.41 -11.85
C ALA C 91 -1.96 14.95 -11.67
N THR C 92 -2.08 14.46 -10.44
CA THR C 92 -1.97 13.04 -10.16
C THR C 92 -3.36 12.43 -10.31
N TYR C 93 -3.46 11.34 -11.06
CA TYR C 93 -4.75 10.71 -11.31
C TYR C 93 -4.91 9.41 -10.54
N PHE C 94 -5.97 9.34 -9.73
CA PHE C 94 -6.22 8.18 -8.89
C PHE C 94 -7.36 7.31 -9.39
N CYS C 95 -7.14 6.00 -9.43
CA CYS C 95 -8.20 5.04 -9.64
C CYS C 95 -8.82 4.72 -8.28
N VAL C 96 -10.13 4.91 -8.15
CA VAL C 96 -10.79 4.74 -6.86
C VAL C 96 -12.01 3.83 -6.95
N ARG C 97 -12.23 3.03 -5.91
CA ARG C 97 -13.36 2.12 -5.88
C ARG C 97 -14.55 2.70 -5.14
N GLU C 98 -15.72 2.56 -5.73
CA GLU C 98 -16.97 2.96 -5.10
C GLU C 98 -17.39 1.89 -4.10
N ALA C 99 -17.46 2.26 -2.82
CA ALA C 99 -17.94 1.34 -1.79
C ALA C 99 -19.36 0.93 -2.12
N GLY C 100 -19.67 -0.35 -1.92
CA GLY C 100 -20.98 -0.86 -2.25
C GLY C 100 -21.31 -2.19 -1.60
N GLY C 101 -22.43 -2.77 -2.01
CA GLY C 101 -22.91 -4.02 -1.45
C GLY C 101 -24.41 -4.13 -1.62
N PRO C 102 -25.04 -5.02 -0.84
CA PRO C 102 -26.48 -5.22 -0.91
C PRO C 102 -27.28 -4.21 -0.09
N ASP C 103 -28.50 -3.92 -0.54
CA ASP C 103 -29.44 -3.15 0.27
C ASP C 103 -30.31 -4.10 1.09
N TYR C 104 -30.75 -3.64 2.26
CA TYR C 104 -31.52 -4.50 3.15
C TYR C 104 -32.95 -4.01 3.30
N ARG C 105 -33.90 -4.83 2.86
CA ARG C 105 -35.31 -4.46 2.90
C ARG C 105 -36.20 -5.69 3.08
N ASN C 106 -37.27 -5.53 3.87
CA ASN C 106 -38.21 -6.61 4.12
C ASN C 106 -37.52 -7.85 4.69
N GLY C 107 -36.40 -7.64 5.36
CA GLY C 107 -35.66 -8.72 5.99
C GLY C 107 -34.72 -9.47 5.05
N TYR C 108 -34.49 -8.89 3.88
CA TYR C 108 -33.67 -9.55 2.86
C TYR C 108 -32.58 -8.66 2.28
N TYR C 109 -31.46 -9.29 1.92
CA TYR C 109 -30.39 -8.61 1.18
C TYR C 109 -30.64 -8.70 -0.32
N ASP C 112 -28.18 -5.37 -7.21
CA ASP C 112 -28.62 -4.83 -8.49
C ASP C 112 -28.62 -5.94 -9.54
N PHE C 113 -28.87 -5.58 -10.80
CA PHE C 113 -28.87 -6.54 -11.89
C PHE C 113 -27.55 -7.31 -11.95
N TYR C 114 -27.65 -8.62 -12.22
CA TYR C 114 -26.48 -9.50 -12.28
C TYR C 114 -25.76 -9.56 -10.93
N ASP C 115 -26.52 -9.37 -9.86
CA ASP C 115 -25.97 -9.38 -8.50
C ASP C 115 -24.88 -8.33 -8.32
N GLY C 116 -24.98 -7.24 -9.06
CA GLY C 116 -24.05 -6.14 -8.92
C GLY C 116 -24.30 -5.38 -7.62
N TYR C 117 -23.24 -4.79 -7.08
CA TYR C 117 -23.36 -4.01 -5.84
C TYR C 117 -24.24 -2.79 -6.02
N TYR C 118 -24.97 -2.43 -4.96
CA TYR C 118 -25.60 -1.12 -4.88
C TYR C 118 -24.60 -0.14 -4.29
N ASN C 119 -24.56 1.07 -4.84
CA ASN C 119 -23.61 2.08 -4.38
C ASN C 119 -23.93 2.57 -2.98
N TYR C 120 -22.90 2.61 -2.13
CA TYR C 120 -23.05 3.15 -0.78
C TYR C 120 -22.64 4.63 -0.75
N HIS C 121 -22.23 5.13 -1.91
CA HIS C 121 -21.96 6.56 -2.08
C HIS C 121 -20.76 7.04 -1.26
N TYR C 122 -19.69 6.26 -1.28
CA TYR C 122 -18.41 6.70 -0.73
C TYR C 122 -17.29 5.79 -1.21
N MET C 123 -16.06 6.29 -1.16
CA MET C 123 -14.91 5.57 -1.69
C MET C 123 -14.17 4.82 -0.59
N ASP C 124 -13.82 3.56 -0.84
CA ASP C 124 -13.19 2.73 0.18
C ASP C 124 -11.81 2.19 -0.24
N VAL C 125 -11.44 2.39 -1.50
CA VAL C 125 -10.15 1.91 -1.99
C VAL C 125 -9.52 2.88 -2.98
N TRP C 126 -8.26 3.25 -2.72
CA TRP C 126 -7.54 4.17 -3.58
C TRP C 126 -6.27 3.55 -4.14
N GLY C 127 -5.97 3.85 -5.40
CA GLY C 127 -4.70 3.45 -5.98
C GLY C 127 -3.62 4.44 -5.57
N LYS C 128 -2.38 4.15 -5.92
CA LYS C 128 -1.27 5.03 -5.56
C LYS C 128 -1.22 6.23 -6.50
N GLY C 129 -1.77 6.06 -7.71
CA GLY C 129 -1.89 7.16 -8.64
C GLY C 129 -0.86 7.18 -9.75
N THR C 130 -1.23 7.82 -10.86
CA THR C 130 -0.31 8.02 -11.99
C THR C 130 -0.24 9.51 -12.32
N THR C 131 0.96 9.98 -12.67
CA THR C 131 1.20 11.41 -12.84
C THR C 131 1.04 11.88 -14.29
N VAL C 132 0.26 12.94 -14.47
CA VAL C 132 0.09 13.55 -15.78
C VAL C 132 0.48 15.03 -15.75
N THR C 133 1.40 15.41 -16.62
CA THR C 133 1.85 16.80 -16.70
C THR C 133 1.63 17.35 -18.11
N VAL C 134 0.91 18.46 -18.19
CA VAL C 134 0.66 19.12 -19.47
C VAL C 134 1.28 20.51 -19.48
N SER C 135 2.31 20.69 -20.29
CA SER C 135 3.05 21.95 -20.33
C SER C 135 3.56 22.27 -21.73
N SER C 136 3.64 23.56 -22.03
CA SER C 136 4.16 24.01 -23.31
C SER C 136 5.69 24.05 -23.29
N ALA C 137 6.24 23.96 -22.08
CA ALA C 137 7.69 24.05 -21.89
C ALA C 137 8.42 22.92 -22.60
N SER C 138 9.64 23.19 -23.02
CA SER C 138 10.46 22.18 -23.69
C SER C 138 11.52 21.61 -22.75
N THR C 139 11.99 20.41 -23.06
CA THR C 139 12.96 19.71 -22.23
C THR C 139 14.23 20.51 -22.02
N LYS C 140 14.78 20.45 -20.81
CA LYS C 140 15.97 21.23 -20.47
C LYS C 140 16.71 20.62 -19.28
N GLY C 141 17.98 20.29 -19.49
CA GLY C 141 18.83 19.77 -18.44
C GLY C 141 19.05 20.80 -17.35
N PRO C 142 19.40 20.34 -16.15
CA PRO C 142 19.54 21.21 -14.97
C PRO C 142 20.91 21.87 -14.87
N SER C 143 20.95 23.03 -14.23
CA SER C 143 22.21 23.66 -13.84
C SER C 143 22.47 23.34 -12.37
N VAL C 144 23.59 22.66 -12.10
CA VAL C 144 23.89 22.22 -10.74
C VAL C 144 24.92 23.13 -10.09
N PHE C 145 24.55 23.72 -8.96
CA PHE C 145 25.46 24.57 -8.20
C PHE C 145 25.66 24.02 -6.79
N PRO C 146 26.87 24.20 -6.24
CA PRO C 146 27.20 23.69 -4.91
C PRO C 146 26.63 24.58 -3.80
N LEU C 147 26.17 23.96 -2.73
CA LEU C 147 25.76 24.68 -1.53
C LEU C 147 26.79 24.41 -0.44
N ALA C 148 27.83 25.24 -0.40
CA ALA C 148 29.00 24.98 0.45
C ALA C 148 28.79 25.40 1.89
N PRO C 149 29.29 24.60 2.83
CA PRO C 149 29.27 24.89 4.26
C PRO C 149 30.40 25.86 4.65
N SER C 150 30.13 26.74 5.61
CA SER C 150 31.14 27.65 6.12
C SER C 150 31.10 27.70 7.64
N SER C 151 31.97 28.51 8.24
CA SER C 151 32.03 28.62 9.69
C SER C 151 30.76 29.24 10.26
N LYS C 152 30.00 29.92 9.42
CA LYS C 152 28.78 30.59 9.86
C LYS C 152 27.51 29.89 9.37
N SER C 153 27.65 28.61 9.02
CA SER C 153 26.50 27.83 8.59
C SER C 153 26.43 26.49 9.33
N THR C 154 27.38 26.28 10.22
CA THR C 154 27.45 25.03 10.99
C THR C 154 26.63 25.10 12.27
N SER C 155 26.34 23.94 12.83
CA SER C 155 25.67 23.83 14.11
C SER C 155 26.50 22.96 15.05
N GLY C 156 27.64 23.49 15.49
CA GLY C 156 28.53 22.74 16.34
C GLY C 156 29.27 21.65 15.59
N GLY C 157 29.10 20.41 16.05
CA GLY C 157 29.79 19.27 15.48
C GLY C 157 29.30 18.86 14.10
N THR C 158 28.13 19.37 13.70
CA THR C 158 27.55 18.99 12.41
C THR C 158 27.49 20.16 11.43
N ALA C 159 27.49 19.83 10.14
CA ALA C 159 27.44 20.84 9.09
C ALA C 159 26.53 20.39 7.96
N ALA C 160 25.77 21.34 7.40
CA ALA C 160 24.89 21.05 6.29
C ALA C 160 25.51 21.51 4.98
N LEU C 161 25.46 20.65 3.97
CA LEU C 161 25.92 20.97 2.63
C LEU C 161 25.04 20.27 1.61
N GLY C 162 24.97 20.79 0.40
CA GLY C 162 24.13 20.20 -0.62
C GLY C 162 24.36 20.71 -2.03
N CYS C 163 23.42 20.41 -2.91
CA CYS C 163 23.49 20.86 -4.29
C CYS C 163 22.18 21.50 -4.73
N LEU C 164 22.31 22.65 -5.38
CA LEU C 164 21.15 23.33 -5.96
C LEU C 164 20.97 22.91 -7.41
N VAL C 165 19.87 22.22 -7.69
CA VAL C 165 19.57 21.75 -9.05
C VAL C 165 18.55 22.68 -9.68
N LYS C 166 19.01 23.51 -10.61
CA LYS C 166 18.25 24.67 -11.05
C LYS C 166 17.76 24.61 -12.50
N ASP C 167 16.51 25.01 -12.70
CA ASP C 167 15.95 25.27 -14.03
C ASP C 167 15.99 24.08 -14.98
N TYR C 168 15.27 23.03 -14.63
CA TYR C 168 15.15 21.85 -15.49
C TYR C 168 13.69 21.58 -15.84
N PHE C 169 13.48 20.78 -16.89
CA PHE C 169 12.15 20.34 -17.27
C PHE C 169 12.25 19.11 -18.17
N PRO C 170 11.36 18.13 -17.94
CA PRO C 170 10.38 18.12 -16.86
C PRO C 170 10.93 17.40 -15.63
N GLU C 171 10.07 17.13 -14.65
CA GLU C 171 10.44 16.26 -13.55
C GLU C 171 10.59 14.84 -14.08
N PRO C 172 11.34 13.99 -13.37
CA PRO C 172 12.03 14.34 -12.13
C PRO C 172 13.54 14.42 -12.29
N VAL C 173 14.22 15.03 -11.33
CA VAL C 173 15.65 14.85 -11.16
C VAL C 173 15.85 14.02 -9.91
N THR C 174 16.79 13.09 -9.95
CA THR C 174 17.11 12.30 -8.78
C THR C 174 18.53 12.61 -8.33
N VAL C 175 18.73 12.67 -7.02
CA VAL C 175 20.04 12.99 -6.47
C VAL C 175 20.50 11.92 -5.48
N SER C 176 21.71 11.43 -5.69
CA SER C 176 22.37 10.56 -4.73
C SER C 176 23.66 11.21 -4.29
N TRP C 177 24.34 10.62 -3.33
CA TRP C 177 25.58 11.19 -2.82
C TRP C 177 26.69 10.15 -2.71
N ASN C 178 27.85 10.47 -3.27
CA ASN C 178 28.99 9.57 -3.27
C ASN C 178 28.64 8.21 -3.84
N SER C 179 27.85 8.21 -4.91
CA SER C 179 27.46 6.99 -5.61
C SER C 179 26.73 6.01 -4.71
N GLY C 180 25.92 6.54 -3.79
CA GLY C 180 25.13 5.70 -2.91
C GLY C 180 25.85 5.23 -1.67
N ALA C 181 27.11 5.65 -1.51
CA ALA C 181 27.89 5.27 -0.34
C ALA C 181 27.38 6.01 0.90
N LEU C 182 26.71 7.13 0.67
CA LEU C 182 26.19 7.97 1.75
C LEU C 182 24.69 7.76 1.90
N THR C 183 24.29 7.11 2.98
CA THR C 183 22.89 6.71 3.15
C THR C 183 22.22 7.35 4.37
N SER C 184 23.02 7.95 5.25
CA SER C 184 22.46 8.60 6.44
C SER C 184 22.56 10.12 6.34
N GLY C 185 21.52 10.81 6.79
CA GLY C 185 21.54 12.26 6.88
C GLY C 185 21.20 13.00 5.59
N VAL C 186 20.85 12.26 4.55
CA VAL C 186 20.53 12.87 3.27
C VAL C 186 19.04 13.18 3.15
N HIS C 187 18.71 14.31 2.54
CA HIS C 187 17.32 14.65 2.26
C HIS C 187 17.20 15.47 0.98
N THR C 188 16.39 14.98 0.05
CA THR C 188 16.13 15.70 -1.20
C THR C 188 14.73 16.29 -1.17
N PHE C 189 14.64 17.60 -1.39
CA PHE C 189 13.37 18.31 -1.31
C PHE C 189 12.59 18.19 -2.61
N PRO C 190 11.25 18.31 -2.51
CA PRO C 190 10.40 18.32 -3.70
C PRO C 190 10.71 19.52 -4.59
N ALA C 191 10.43 19.40 -5.88
CA ALA C 191 10.71 20.48 -6.81
C ALA C 191 9.72 21.62 -6.65
N VAL C 192 10.16 22.82 -6.98
CA VAL C 192 9.27 23.97 -7.09
C VAL C 192 9.13 24.38 -8.55
N LEU C 193 7.93 24.77 -8.94
CA LEU C 193 7.69 25.22 -10.30
C LEU C 193 7.77 26.74 -10.38
N GLN C 194 8.85 27.25 -10.96
CA GLN C 194 9.07 28.68 -11.08
C GLN C 194 8.18 29.28 -12.16
N SER C 195 8.03 30.60 -12.14
CA SER C 195 7.18 31.30 -13.10
C SER C 195 7.68 31.14 -14.53
N SER C 196 8.93 30.69 -14.66
CA SER C 196 9.54 30.47 -15.97
C SER C 196 9.06 29.18 -16.61
N GLY C 197 8.37 28.36 -15.83
CA GLY C 197 7.90 27.07 -16.31
C GLY C 197 8.91 25.98 -16.08
N LEU C 198 10.07 26.36 -15.54
CA LEU C 198 11.14 25.41 -15.24
C LEU C 198 11.13 25.04 -13.77
N TYR C 199 11.62 23.85 -13.46
CA TYR C 199 11.68 23.37 -12.08
C TYR C 199 13.03 23.64 -11.42
N SER C 200 13.04 23.61 -10.10
CA SER C 200 14.26 23.68 -9.32
C SER C 200 14.08 22.92 -8.01
N LEU C 201 15.15 22.28 -7.54
CA LEU C 201 15.13 21.65 -6.23
C LEU C 201 16.52 21.64 -5.61
N SER C 202 16.60 21.22 -4.35
CA SER C 202 17.87 21.09 -3.67
C SER C 202 17.99 19.73 -3.00
N SER C 203 19.20 19.20 -2.97
CA SER C 203 19.49 17.98 -2.22
C SER C 203 20.52 18.30 -1.16
N VAL C 204 20.23 17.94 0.08
CA VAL C 204 21.08 18.35 1.20
C VAL C 204 21.50 17.16 2.05
N VAL C 205 22.67 17.27 2.66
CA VAL C 205 23.18 16.23 3.55
C VAL C 205 23.81 16.85 4.80
N THR C 206 23.57 16.22 5.94
CA THR C 206 24.16 16.66 7.19
C THR C 206 25.32 15.74 7.57
N VAL C 207 26.49 16.34 7.80
CA VAL C 207 27.69 15.57 8.08
C VAL C 207 28.47 16.16 9.25
N PRO C 208 29.34 15.35 9.87
CA PRO C 208 30.23 15.83 10.92
C PRO C 208 31.17 16.92 10.39
N SER C 209 31.18 18.07 11.06
CA SER C 209 31.97 19.21 10.62
C SER C 209 33.46 18.88 10.55
N SER C 210 33.89 17.94 11.37
CA SER C 210 35.29 17.54 11.43
C SER C 210 35.73 16.80 10.17
N SER C 211 34.76 16.28 9.42
CA SER C 211 35.04 15.51 8.21
C SER C 211 35.29 16.42 7.01
N LEU C 212 34.90 17.68 7.15
CA LEU C 212 35.12 18.67 6.09
C LEU C 212 36.62 18.86 5.87
N GLY C 213 37.02 18.87 4.59
CA GLY C 213 38.42 19.05 4.25
C GLY C 213 39.18 17.74 4.22
N THR C 214 38.56 16.68 4.73
CA THR C 214 39.17 15.36 4.72
C THR C 214 38.34 14.40 3.86
N GLN C 215 37.02 14.47 4.01
CA GLN C 215 36.12 13.64 3.24
C GLN C 215 35.59 14.41 2.03
N THR C 216 35.53 13.73 0.88
CA THR C 216 34.99 14.35 -0.32
C THR C 216 33.48 14.12 -0.42
N TYR C 217 32.77 15.18 -0.78
CA TYR C 217 31.32 15.08 -0.95
C TYR C 217 30.90 15.47 -2.36
N ILE C 218 30.30 14.53 -3.06
CA ILE C 218 29.86 14.73 -4.44
C ILE C 218 28.40 14.34 -4.58
N CYS C 219 27.59 15.24 -5.12
CA CYS C 219 26.20 14.93 -5.40
C CYS C 219 26.06 14.40 -6.82
N ASN C 220 25.44 13.23 -6.94
CA ASN C 220 25.20 12.64 -8.25
C ASN C 220 23.79 12.98 -8.73
N VAL C 221 23.70 14.03 -9.54
CA VAL C 221 22.42 14.48 -10.06
C VAL C 221 22.07 13.75 -11.36
N ASN C 222 20.83 13.30 -11.46
CA ASN C 222 20.38 12.57 -12.64
C ASN C 222 19.07 13.12 -13.19
N HIS C 223 19.08 13.51 -14.45
CA HIS C 223 17.88 13.99 -15.12
C HIS C 223 17.65 13.20 -16.41
N LYS C 224 16.95 12.07 -16.26
CA LYS C 224 16.73 11.14 -17.36
C LYS C 224 16.02 11.75 -18.58
N PRO C 225 14.98 12.58 -18.35
CA PRO C 225 14.24 13.18 -19.47
C PRO C 225 15.12 13.97 -20.43
N SER C 226 16.35 14.30 -20.02
CA SER C 226 17.29 14.98 -20.90
C SER C 226 18.55 14.14 -21.08
N ASN C 227 18.53 12.92 -20.57
CA ASN C 227 19.68 12.03 -20.62
C ASN C 227 20.92 12.70 -20.04
N THR C 228 20.72 13.41 -18.95
CA THR C 228 21.80 14.19 -18.33
C THR C 228 22.14 13.71 -16.93
N LYS C 229 23.44 13.60 -16.67
CA LYS C 229 23.92 13.28 -15.33
C LYS C 229 25.05 14.25 -14.95
N VAL C 230 25.02 14.73 -13.72
CA VAL C 230 26.05 15.66 -13.27
C VAL C 230 26.55 15.30 -11.88
N ASP C 231 27.86 15.06 -11.78
CA ASP C 231 28.50 14.89 -10.49
C ASP C 231 29.09 16.23 -10.05
N LYS C 232 28.57 16.77 -8.96
CA LYS C 232 29.04 18.06 -8.47
C LYS C 232 29.80 17.90 -7.15
N LYS C 233 31.09 18.21 -7.19
CA LYS C 233 31.91 18.19 -6.00
C LYS C 233 31.65 19.44 -5.17
N VAL C 234 31.29 19.25 -3.91
CA VAL C 234 30.96 20.37 -3.04
C VAL C 234 32.12 20.71 -2.11
N GLU C 235 32.82 21.80 -2.41
CA GLU C 235 33.94 22.25 -1.61
C GLU C 235 33.47 23.08 -0.42
N PRO C 236 34.06 22.85 0.76
CA PRO C 236 33.79 23.79 1.85
C PRO C 236 34.47 25.11 1.56
N LYS C 237 33.77 26.23 1.75
CA LYS C 237 34.38 27.53 1.45
C LYS C 237 35.36 27.94 2.54
N SER C 238 36.18 28.94 2.24
CA SER C 238 37.29 29.33 3.10
C SER C 238 36.90 30.38 4.14
N CYS C 239 35.61 30.50 4.40
CA CYS C 239 35.12 31.47 5.37
C CYS C 239 35.07 30.86 6.78
N SER D 2 -19.77 22.34 -9.34
CA SER D 2 -19.30 23.40 -8.45
C SER D 2 -18.83 22.83 -7.12
N ALA D 3 -17.58 23.08 -6.79
CA ALA D 3 -16.95 22.51 -5.60
C ALA D 3 -17.64 22.96 -4.31
N LEU D 4 -17.56 22.12 -3.29
CA LEU D 4 -18.11 22.45 -1.97
C LEU D 4 -17.11 23.29 -1.17
N THR D 5 -17.63 24.23 -0.39
CA THR D 5 -16.76 25.15 0.34
C THR D 5 -16.39 24.63 1.73
N GLN D 6 -15.09 24.55 1.99
CA GLN D 6 -14.58 24.22 3.31
C GLN D 6 -13.66 25.33 3.80
N PRO D 7 -13.50 25.45 5.13
CA PRO D 7 -12.54 26.42 5.65
C PRO D 7 -11.10 26.01 5.31
N ALA D 8 -10.26 26.98 4.96
CA ALA D 8 -8.89 26.71 4.57
C ALA D 8 -8.16 25.93 5.65
N SER D 9 -8.41 26.27 6.90
CA SER D 9 -7.79 25.58 8.02
C SER D 9 -8.58 25.75 9.31
N VAL D 10 -8.54 24.73 10.15
CA VAL D 10 -9.09 24.79 11.49
C VAL D 10 -8.05 24.16 12.41
N SER D 11 -8.03 24.57 13.68
CA SER D 11 -6.98 24.09 14.58
C SER D 11 -7.40 24.09 16.04
N GLY D 12 -6.94 23.07 16.77
CA GLY D 12 -7.19 22.97 18.19
C GLY D 12 -6.08 22.25 18.92
N SER D 13 -6.19 22.21 20.24
CA SER D 13 -5.22 21.49 21.07
C SER D 13 -5.78 20.11 21.40
N PRO D 14 -4.90 19.18 21.81
CA PRO D 14 -5.29 17.82 22.17
C PRO D 14 -6.34 17.77 23.28
N GLY D 15 -7.30 16.86 23.13
CA GLY D 15 -8.33 16.66 24.13
C GLY D 15 -9.65 17.34 23.84
N GLN D 16 -9.60 18.46 23.12
CA GLN D 16 -10.82 19.23 22.84
C GLN D 16 -11.48 18.77 21.56
N SER D 17 -12.63 19.36 21.25
CA SER D 17 -13.39 19.00 20.06
C SER D 17 -13.35 20.08 18.99
N ILE D 18 -13.25 19.65 17.73
CA ILE D 18 -13.26 20.57 16.60
C ILE D 18 -14.34 20.18 15.59
N THR D 19 -14.80 21.15 14.81
CA THR D 19 -15.81 20.91 13.79
C THR D 19 -15.43 21.55 12.47
N ILE D 20 -15.48 20.78 11.40
CA ILE D 20 -15.21 21.28 10.06
C ILE D 20 -16.48 21.29 9.23
N SER D 21 -16.83 22.44 8.67
CA SER D 21 -18.05 22.60 7.90
C SER D 21 -17.84 22.30 6.41
N CYS D 22 -18.95 22.08 5.70
CA CYS D 22 -18.93 21.75 4.28
C CYS D 22 -20.20 22.25 3.60
N ASN D 23 -20.05 23.30 2.80
CA ASN D 23 -21.19 24.04 2.27
C ASN D 23 -21.53 23.73 0.81
N GLY D 24 -22.73 23.20 0.57
CA GLY D 24 -23.18 22.91 -0.77
C GLY D 24 -24.48 23.60 -1.16
N THR D 25 -25.25 22.95 -2.03
CA THR D 25 -26.52 23.52 -2.48
C THR D 25 -27.62 22.47 -2.42
N SER D 26 -28.84 22.84 -2.80
CA SER D 26 -29.95 21.90 -2.83
C SER D 26 -29.71 20.78 -3.85
N ASN D 27 -28.71 20.97 -4.69
CA ASN D 27 -28.39 20.00 -5.75
C ASN D 27 -27.29 19.03 -5.36
N ASP D 28 -26.80 19.13 -4.13
CA ASP D 28 -25.81 18.18 -3.63
C ASP D 28 -25.95 17.92 -2.13
N VAL D 29 -25.25 18.70 -1.32
CA VAL D 29 -25.23 18.50 0.13
C VAL D 29 -26.63 18.56 0.75
N GLY D 30 -27.35 19.63 0.45
CA GLY D 30 -28.67 19.84 1.04
C GLY D 30 -29.76 18.97 0.45
N GLY D 31 -29.51 18.41 -0.73
CA GLY D 31 -30.51 17.64 -1.44
C GLY D 31 -30.54 16.16 -1.13
N TYR D 32 -29.45 15.64 -0.56
CA TYR D 32 -29.35 14.20 -0.34
C TYR D 32 -28.64 13.86 0.97
N GLU D 33 -28.75 12.59 1.36
CA GLU D 33 -28.09 12.10 2.57
C GLU D 33 -26.84 11.32 2.21
N SER D 34 -26.08 11.84 1.25
CA SER D 34 -24.90 11.13 0.74
C SER D 34 -23.65 11.99 0.86
N VAL D 35 -23.40 12.51 2.06
CA VAL D 35 -22.18 13.26 2.34
C VAL D 35 -21.15 12.36 3.01
N SER D 36 -19.93 12.38 2.49
CA SER D 36 -18.85 11.58 3.07
C SER D 36 -17.62 12.45 3.35
N TRP D 37 -16.82 12.01 4.32
CA TRP D 37 -15.61 12.74 4.71
C TRP D 37 -14.37 11.86 4.56
N TYR D 38 -13.25 12.48 4.21
CA TYR D 38 -12.02 11.73 3.97
C TYR D 38 -10.80 12.39 4.61
N GLN D 39 -9.95 11.56 5.22
CA GLN D 39 -8.72 12.03 5.83
C GLN D 39 -7.52 11.70 4.95
N GLN D 40 -6.71 12.71 4.64
CA GLN D 40 -5.53 12.49 3.81
C GLN D 40 -4.25 13.00 4.47
N HIS D 41 -3.30 12.09 4.69
CA HIS D 41 -1.98 12.46 5.15
C HIS D 41 -1.09 12.73 3.95
N PRO D 42 -0.03 13.54 4.14
CA PRO D 42 0.90 13.88 3.06
C PRO D 42 1.51 12.65 2.38
N GLY D 43 1.42 12.60 1.06
CA GLY D 43 1.98 11.49 0.30
C GLY D 43 1.25 10.18 0.54
N LYS D 44 -0.01 10.26 0.94
CA LYS D 44 -0.81 9.07 1.20
C LYS D 44 -2.19 9.21 0.58
N ALA D 45 -2.84 8.07 0.33
CA ALA D 45 -4.20 8.07 -0.19
C ALA D 45 -5.20 8.42 0.89
N PRO D 46 -6.30 9.09 0.51
CA PRO D 46 -7.34 9.47 1.47
C PRO D 46 -8.03 8.26 2.10
N LYS D 47 -8.43 8.38 3.36
CA LYS D 47 -9.20 7.35 4.03
C LYS D 47 -10.55 7.92 4.45
N VAL D 48 -11.62 7.21 4.13
CA VAL D 48 -12.96 7.65 4.52
C VAL D 48 -13.14 7.51 6.03
N VAL D 49 -13.76 8.51 6.64
CA VAL D 49 -13.99 8.48 8.09
C VAL D 49 -15.49 8.55 8.39
N ILE D 50 -16.24 9.12 7.45
CA ILE D 50 -17.69 9.23 7.58
C ILE D 50 -18.36 9.14 6.22
N TYR D 51 -19.51 8.48 6.17
CA TYR D 51 -20.30 8.43 4.95
C TYR D 51 -21.80 8.49 5.29
N ASP D 52 -22.61 8.85 4.30
CA ASP D 52 -24.04 9.05 4.52
C ASP D 52 -24.27 10.03 5.68
N VAL D 53 -23.48 11.10 5.70
CA VAL D 53 -23.63 12.19 6.65
C VAL D 53 -23.08 11.86 8.05
N SER D 54 -23.46 10.70 8.59
CA SER D 54 -23.16 10.41 9.99
C SER D 54 -22.69 8.98 10.27
N LYS D 55 -22.71 8.13 9.25
CA LYS D 55 -22.32 6.73 9.44
C LYS D 55 -20.80 6.57 9.46
N ARG D 56 -20.31 5.67 10.31
CA ARG D 56 -18.88 5.39 10.39
C ARG D 56 -18.54 4.06 9.73
N PRO D 57 -17.53 4.07 8.84
CA PRO D 57 -17.02 2.83 8.25
C PRO D 57 -16.44 1.91 9.32
N SER D 58 -16.25 0.64 8.98
CA SER D 58 -15.70 -0.33 9.92
C SER D 58 -14.26 0.01 10.30
N GLY D 59 -14.00 0.11 11.60
CA GLY D 59 -12.67 0.35 12.11
C GLY D 59 -12.30 1.82 12.26
N VAL D 60 -13.30 2.69 12.23
CA VAL D 60 -13.06 4.11 12.42
C VAL D 60 -13.37 4.52 13.87
N SER D 61 -12.48 5.33 14.45
CA SER D 61 -12.63 5.80 15.81
C SER D 61 -13.98 6.47 16.05
N ASN D 62 -14.58 6.22 17.21
CA ASN D 62 -15.87 6.79 17.54
C ASN D 62 -15.78 8.25 17.96
N ARG D 63 -14.57 8.80 17.90
CA ARG D 63 -14.36 10.22 18.17
C ARG D 63 -14.85 11.05 16.99
N PHE D 64 -14.85 10.43 15.81
CA PHE D 64 -15.33 11.08 14.60
C PHE D 64 -16.84 10.94 14.48
N SER D 65 -17.52 12.07 14.30
CA SER D 65 -18.96 12.07 14.05
C SER D 65 -19.30 13.07 12.95
N GLY D 66 -20.47 12.91 12.35
CA GLY D 66 -20.89 13.78 11.27
C GLY D 66 -22.35 14.15 11.35
N SER D 67 -22.68 15.34 10.86
CA SER D 67 -24.05 15.82 10.84
C SER D 67 -24.28 16.77 9.68
N LYS D 68 -25.52 17.25 9.53
CA LYS D 68 -25.85 18.17 8.46
C LYS D 68 -27.05 19.05 8.83
N SER D 69 -27.01 20.31 8.40
CA SER D 69 -28.11 21.23 8.61
C SER D 69 -28.30 22.10 7.38
N GLY D 70 -29.42 21.92 6.69
CA GLY D 70 -29.68 22.65 5.46
C GLY D 70 -28.65 22.32 4.39
N ASN D 71 -27.89 23.32 3.99
CA ASN D 71 -26.85 23.13 2.97
C ASN D 71 -25.47 22.93 3.57
N THR D 72 -25.39 22.93 4.90
CA THR D 72 -24.10 22.82 5.59
C THR D 72 -23.92 21.48 6.27
N ALA D 73 -22.95 20.70 5.79
CA ALA D 73 -22.57 19.46 6.44
C ALA D 73 -21.42 19.72 7.39
N SER D 74 -21.30 18.89 8.43
CA SER D 74 -20.27 19.10 9.44
C SER D 74 -19.62 17.81 9.91
N LEU D 75 -18.28 17.83 9.96
CA LEU D 75 -17.52 16.75 10.55
C LEU D 75 -16.98 17.19 11.91
N THR D 76 -17.25 16.39 12.94
CA THR D 76 -16.80 16.73 14.28
C THR D 76 -15.82 15.70 14.82
N ILE D 77 -14.69 16.18 15.34
CA ILE D 77 -13.69 15.32 15.95
C ILE D 77 -13.55 15.66 17.43
N SER D 78 -13.89 14.70 18.28
CA SER D 78 -13.78 14.88 19.72
C SER D 78 -12.46 14.31 20.23
N GLY D 79 -11.98 14.85 21.35
CA GLY D 79 -10.73 14.40 21.94
C GLY D 79 -9.59 14.41 20.95
N LEU D 80 -9.27 15.60 20.43
CA LEU D 80 -8.24 15.76 19.41
C LEU D 80 -6.93 15.08 19.76
N GLN D 81 -6.32 14.45 18.76
CA GLN D 81 -5.04 13.78 18.94
C GLN D 81 -4.11 14.13 17.79
N ALA D 82 -2.80 13.95 18.02
CA ALA D 82 -1.80 14.27 17.01
C ALA D 82 -2.02 13.47 15.73
N GLU D 83 -2.62 12.30 15.87
CA GLU D 83 -2.91 11.43 14.73
C GLU D 83 -3.90 12.09 13.77
N ASP D 84 -4.70 13.02 14.28
CA ASP D 84 -5.76 13.64 13.49
C ASP D 84 -5.25 14.76 12.59
N GLU D 85 -3.97 15.10 12.72
CA GLU D 85 -3.38 16.13 11.88
C GLU D 85 -3.31 15.69 10.42
N GLY D 86 -3.81 16.54 9.52
CA GLY D 86 -3.80 16.25 8.10
C GLY D 86 -4.85 17.04 7.35
N ASP D 87 -5.12 16.64 6.11
CA ASP D 87 -6.15 17.28 5.30
C ASP D 87 -7.46 16.51 5.35
N TYR D 88 -8.57 17.24 5.41
CA TYR D 88 -9.88 16.61 5.44
C TYR D 88 -10.77 17.13 4.31
N TYR D 89 -11.33 16.19 3.55
CA TYR D 89 -12.20 16.54 2.43
C TYR D 89 -13.61 16.00 2.63
N CYS D 90 -14.60 16.84 2.35
CA CYS D 90 -15.98 16.37 2.29
C CYS D 90 -16.33 16.07 0.84
N LYS D 91 -17.31 15.19 0.63
CA LYS D 91 -17.76 14.85 -0.70
C LYS D 91 -19.25 14.62 -0.73
N SER D 92 -19.91 15.02 -1.82
CA SER D 92 -21.34 14.84 -1.95
C SER D 92 -21.72 14.43 -3.36
N LEU D 93 -22.80 13.64 -3.47
CA LEU D 93 -23.38 13.35 -4.77
C LEU D 93 -24.18 14.55 -5.25
N THR D 94 -24.40 14.63 -6.55
CA THR D 94 -25.19 15.71 -7.12
C THR D 94 -26.46 15.15 -7.76
N SER D 95 -27.34 16.04 -8.20
CA SER D 95 -28.61 15.63 -8.79
C SER D 95 -28.40 14.89 -10.11
N THR D 96 -27.24 15.10 -10.73
CA THR D 96 -26.91 14.40 -11.97
C THR D 96 -26.11 13.14 -11.67
N ARG D 97 -26.11 12.73 -10.41
CA ARG D 97 -25.42 11.52 -9.96
C ARG D 97 -23.90 11.65 -10.08
N ARG D 98 -23.42 12.87 -10.29
CA ARG D 98 -21.99 13.15 -10.25
C ARG D 98 -21.52 13.18 -8.81
N ARG D 99 -20.21 13.30 -8.64
CA ARG D 99 -19.64 13.47 -7.30
C ARG D 99 -18.87 14.78 -7.25
N VAL D 100 -18.87 15.43 -6.10
CA VAL D 100 -18.12 16.68 -5.94
C VAL D 100 -17.43 16.75 -4.58
N PHE D 101 -16.14 17.08 -4.60
CA PHE D 101 -15.35 17.22 -3.39
C PHE D 101 -15.42 18.64 -2.84
N GLY D 102 -15.14 18.78 -1.55
CA GLY D 102 -14.99 20.09 -0.95
C GLY D 102 -13.58 20.60 -1.19
N THR D 103 -13.37 21.89 -0.93
CA THR D 103 -12.06 22.50 -1.18
C THR D 103 -10.98 21.98 -0.24
N GLY D 104 -11.40 21.26 0.81
CA GLY D 104 -10.47 20.65 1.74
C GLY D 104 -10.09 21.56 2.90
N THR D 105 -9.84 20.94 4.05
CA THR D 105 -9.44 21.67 5.25
C THR D 105 -8.19 21.08 5.88
N LYS D 106 -7.17 21.92 6.08
CA LYS D 106 -5.97 21.50 6.79
C LYS D 106 -6.21 21.59 8.30
N LEU D 107 -6.23 20.45 8.97
CA LEU D 107 -6.44 20.42 10.41
C LEU D 107 -5.12 20.39 11.15
N THR D 108 -4.89 21.41 11.98
CA THR D 108 -3.68 21.50 12.77
C THR D 108 -3.98 21.33 14.25
N VAL D 109 -3.20 20.47 14.91
CA VAL D 109 -3.34 20.28 16.36
C VAL D 109 -2.32 21.16 17.09
N LEU D 110 -2.83 22.06 17.92
CA LEU D 110 -1.99 23.04 18.61
C LEU D 110 -1.57 22.61 20.00
N GLY D 111 -0.78 23.45 20.65
CA GLY D 111 -0.41 23.24 22.04
C GLY D 111 0.44 22.02 22.33
N GLN D 112 0.77 21.26 21.29
CA GLN D 112 1.70 20.15 21.45
C GLN D 112 3.06 20.72 21.79
N PRO D 113 3.88 19.95 22.53
CA PRO D 113 5.25 20.44 22.72
C PRO D 113 5.94 20.58 21.37
N LYS D 114 6.24 21.82 21.00
CA LYS D 114 6.77 22.10 19.68
C LYS D 114 8.28 21.89 19.62
N ALA D 115 8.77 21.66 18.41
CA ALA D 115 10.21 21.67 18.15
C ALA D 115 10.49 22.76 17.13
N ALA D 116 11.19 23.81 17.56
CA ALA D 116 11.48 24.93 16.68
C ALA D 116 12.37 24.49 15.52
N PRO D 117 12.22 25.14 14.37
CA PRO D 117 12.97 24.77 13.17
C PRO D 117 14.42 25.25 13.21
N SER D 118 15.33 24.40 12.74
CA SER D 118 16.70 24.83 12.47
C SER D 118 16.74 25.40 11.07
N VAL D 119 17.30 26.59 10.91
CA VAL D 119 17.31 27.25 9.62
C VAL D 119 18.72 27.43 9.08
N THR D 120 18.93 26.99 7.84
CA THR D 120 20.21 27.16 7.18
C THR D 120 20.01 27.95 5.89
N LEU D 121 20.71 29.07 5.75
CA LEU D 121 20.56 29.94 4.60
C LEU D 121 21.84 30.01 3.79
N PHE D 122 21.77 29.56 2.53
CA PHE D 122 22.91 29.63 1.63
C PHE D 122 22.80 30.84 0.70
N PRO D 123 23.86 31.65 0.64
CA PRO D 123 23.92 32.74 -0.33
C PRO D 123 24.22 32.18 -1.71
N PRO D 124 24.17 33.02 -2.76
CA PRO D 124 24.50 32.55 -4.10
C PRO D 124 25.94 32.06 -4.18
N SER D 125 26.17 30.90 -4.77
CA SER D 125 27.52 30.40 -4.95
C SER D 125 28.25 31.27 -5.96
N SER D 126 29.58 31.26 -5.89
CA SER D 126 30.39 32.05 -6.81
C SER D 126 30.17 31.61 -8.26
N GLU D 127 29.96 30.32 -8.45
CA GLU D 127 29.72 29.78 -9.80
C GLU D 127 28.44 30.33 -10.40
N GLU D 128 27.36 30.31 -9.63
CA GLU D 128 26.08 30.82 -10.11
C GLU D 128 26.17 32.30 -10.42
N LEU D 129 26.84 33.05 -9.55
CA LEU D 129 27.07 34.47 -9.79
C LEU D 129 27.87 34.67 -11.07
N GLN D 130 28.84 33.80 -11.29
CA GLN D 130 29.63 33.83 -12.53
C GLN D 130 28.74 33.53 -13.73
N ALA D 131 27.70 32.73 -13.50
CA ALA D 131 26.74 32.39 -14.55
C ALA D 131 25.68 33.48 -14.68
N ASN D 132 25.90 34.60 -14.01
CA ASN D 132 25.02 35.76 -14.08
C ASN D 132 23.63 35.48 -13.49
N LYS D 133 23.57 34.60 -12.50
CA LYS D 133 22.33 34.32 -11.79
C LYS D 133 22.57 34.29 -10.29
N ALA D 134 21.50 34.22 -9.51
CA ALA D 134 21.62 34.23 -8.05
C ALA D 134 20.40 33.62 -7.38
N THR D 135 20.65 32.65 -6.50
CA THR D 135 19.58 32.00 -5.75
C THR D 135 19.91 31.90 -4.27
N LEU D 136 19.04 32.45 -3.43
CA LEU D 136 19.16 32.27 -1.98
C LEU D 136 18.39 31.01 -1.59
N VAL D 137 19.07 30.11 -0.87
CA VAL D 137 18.47 28.85 -0.49
C VAL D 137 18.25 28.74 1.02
N CYS D 138 16.98 28.73 1.43
CA CYS D 138 16.65 28.62 2.84
C CYS D 138 16.18 27.21 3.18
N LEU D 139 16.97 26.50 3.97
CA LEU D 139 16.66 25.14 4.38
C LEU D 139 16.10 25.11 5.80
N ILE D 140 14.93 24.53 5.96
CA ILE D 140 14.25 24.48 7.25
C ILE D 140 14.10 23.04 7.73
N SER D 141 14.55 22.76 8.94
CA SER D 141 14.56 21.38 9.42
C SER D 141 14.22 21.23 10.90
N ASP D 142 13.92 20.00 11.29
CA ASP D 142 13.75 19.62 12.70
C ASP D 142 12.64 20.38 13.42
N PHE D 143 11.54 20.64 12.72
CA PHE D 143 10.42 21.31 13.37
C PHE D 143 9.19 20.41 13.47
N TYR D 144 8.31 20.75 14.41
CA TYR D 144 7.07 20.01 14.64
C TYR D 144 6.10 20.87 15.45
N PRO D 145 4.82 20.90 15.05
CA PRO D 145 4.20 20.18 13.94
C PRO D 145 4.75 20.59 12.57
N GLY D 146 4.26 19.93 11.52
CA GLY D 146 4.76 20.17 10.18
C GLY D 146 4.10 21.32 9.45
N ALA D 147 3.90 22.43 10.15
CA ALA D 147 3.32 23.62 9.54
C ALA D 147 4.18 24.85 9.80
N VAL D 148 4.64 25.49 8.73
CA VAL D 148 5.47 26.69 8.84
C VAL D 148 5.05 27.75 7.84
N THR D 149 5.48 28.98 8.10
CA THR D 149 5.28 30.08 7.17
C THR D 149 6.61 30.77 6.90
N VAL D 150 6.93 30.96 5.63
CA VAL D 150 8.23 31.52 5.25
C VAL D 150 8.10 32.90 4.60
N ALA D 151 8.86 33.85 5.12
CA ALA D 151 8.88 35.20 4.57
C ALA D 151 10.31 35.65 4.30
N TRP D 152 10.50 36.42 3.23
CA TRP D 152 11.82 36.90 2.85
C TRP D 152 11.93 38.41 3.00
N LYS D 153 13.11 38.87 3.43
CA LYS D 153 13.37 40.29 3.59
C LYS D 153 14.63 40.70 2.82
N ALA D 154 14.53 41.78 2.06
CA ALA D 154 15.69 42.41 1.46
C ALA D 154 16.05 43.63 2.30
N ASP D 155 17.19 43.56 2.99
CA ASP D 155 17.47 44.51 4.06
C ASP D 155 16.34 44.46 5.07
N SER D 156 15.49 45.48 5.07
CA SER D 156 14.38 45.54 6.01
C SER D 156 13.02 45.37 5.34
N SER D 157 13.01 45.36 4.01
CA SER D 157 11.75 45.30 3.25
C SER D 157 11.39 43.87 2.84
N PRO D 158 10.10 43.53 2.96
CA PRO D 158 9.56 42.22 2.55
C PRO D 158 9.62 42.03 1.04
N VAL D 159 9.91 40.80 0.60
CA VAL D 159 9.96 40.48 -0.82
C VAL D 159 9.18 39.19 -1.10
N LYS D 160 8.44 39.19 -2.21
CA LYS D 160 7.69 38.02 -2.62
C LYS D 160 8.13 37.54 -4.00
N ALA D 161 8.66 38.46 -4.79
CA ALA D 161 9.11 38.15 -6.14
C ALA D 161 10.26 37.15 -6.13
N GLY D 162 10.14 36.11 -6.94
CA GLY D 162 11.18 35.10 -7.04
C GLY D 162 11.18 34.11 -5.89
N VAL D 163 10.15 34.18 -5.05
CA VAL D 163 10.05 33.30 -3.90
C VAL D 163 9.26 32.03 -4.22
N GLU D 164 9.85 30.88 -3.90
CA GLU D 164 9.19 29.60 -4.05
C GLU D 164 9.42 28.73 -2.81
N THR D 165 8.35 28.16 -2.28
CA THR D 165 8.43 27.41 -1.02
C THR D 165 7.76 26.05 -1.14
N THR D 166 8.42 25.02 -0.61
CA THR D 166 7.89 23.65 -0.67
C THR D 166 7.08 23.29 0.55
N THR D 167 6.21 22.29 0.40
CA THR D 167 5.44 21.76 1.52
C THR D 167 6.34 20.88 2.39
N PRO D 168 6.17 20.96 3.71
CA PRO D 168 7.02 20.21 4.66
C PRO D 168 6.86 18.70 4.55
N SER D 169 7.97 17.98 4.69
CA SER D 169 7.94 16.52 4.70
C SER D 169 8.77 15.98 5.87
N LYS D 170 8.54 14.73 6.23
CA LYS D 170 9.16 14.15 7.42
C LYS D 170 10.64 13.83 7.26
N GLN D 171 11.40 14.11 8.31
CA GLN D 171 12.80 13.69 8.40
C GLN D 171 12.87 12.38 9.19
N SER D 172 14.08 11.87 9.38
CA SER D 172 14.29 10.60 10.06
C SER D 172 13.82 10.63 11.51
N ASN D 173 13.94 11.79 12.14
CA ASN D 173 13.61 11.94 13.55
C ASN D 173 12.13 12.20 13.80
N ASN D 174 11.32 11.92 12.78
CA ASN D 174 9.86 12.11 12.86
C ASN D 174 9.49 13.58 13.03
N LYS D 175 10.41 14.47 12.69
CA LYS D 175 10.13 15.89 12.60
C LYS D 175 10.08 16.28 11.13
N TYR D 176 9.79 17.55 10.84
CA TYR D 176 9.59 17.97 9.47
C TYR D 176 10.72 18.84 8.93
N ALA D 177 10.82 18.89 7.60
CA ALA D 177 11.78 19.73 6.92
C ALA D 177 11.15 20.35 5.67
N ALA D 178 11.64 21.51 5.28
CA ALA D 178 11.13 22.20 4.11
C ALA D 178 12.18 23.12 3.52
N SER D 179 11.88 23.72 2.38
CA SER D 179 12.84 24.60 1.72
C SER D 179 12.15 25.79 1.05
N SER D 180 12.89 26.87 0.91
CA SER D 180 12.38 28.06 0.22
C SER D 180 13.50 28.69 -0.60
N TYR D 181 13.12 29.26 -1.74
CA TYR D 181 14.10 29.85 -2.65
C TYR D 181 13.79 31.31 -2.96
N LEU D 182 14.83 32.14 -3.02
CA LEU D 182 14.68 33.50 -3.50
C LEU D 182 15.62 33.72 -4.69
N SER D 183 15.03 33.92 -5.86
CA SER D 183 15.79 34.13 -7.08
C SER D 183 16.03 35.62 -7.34
N LEU D 184 17.30 35.99 -7.49
CA LEU D 184 17.66 37.38 -7.73
C LEU D 184 18.59 37.51 -8.94
N THR D 185 18.77 38.75 -9.40
CA THR D 185 19.85 39.06 -10.32
C THR D 185 21.08 39.38 -9.47
N PRO D 186 22.28 39.19 -10.04
CA PRO D 186 23.50 39.57 -9.34
C PRO D 186 23.47 41.03 -8.88
N GLU D 187 22.86 41.90 -9.68
CA GLU D 187 22.74 43.31 -9.34
C GLU D 187 21.88 43.50 -8.09
N GLN D 188 20.72 42.87 -8.06
CA GLN D 188 19.83 42.93 -6.91
C GLN D 188 20.52 42.41 -5.65
N TRP D 189 21.20 41.27 -5.80
CA TRP D 189 21.94 40.67 -4.71
C TRP D 189 22.99 41.63 -4.16
N LYS D 190 23.73 42.27 -5.04
CA LYS D 190 24.78 43.21 -4.64
C LYS D 190 24.20 44.55 -4.17
N SER D 191 22.98 44.85 -4.59
CA SER D 191 22.39 46.16 -4.31
C SER D 191 21.95 46.31 -2.85
N HIS D 192 21.92 45.20 -2.12
CA HIS D 192 21.53 45.24 -0.72
C HIS D 192 22.67 44.74 0.18
N LYS D 193 22.65 45.15 1.43
CA LYS D 193 23.71 44.74 2.36
C LYS D 193 23.34 43.46 3.12
N SER D 194 22.07 43.07 3.08
CA SER D 194 21.65 41.81 3.69
C SER D 194 20.30 41.30 3.19
N TYR D 195 20.16 39.98 3.19
CA TYR D 195 18.89 39.31 2.90
C TYR D 195 18.55 38.36 4.04
N SER D 196 17.27 38.21 4.35
CA SER D 196 16.86 37.40 5.49
C SER D 196 15.74 36.42 5.18
N CYS D 197 15.87 35.20 5.71
CA CYS D 197 14.82 34.20 5.63
C CYS D 197 14.17 34.01 6.99
N GLN D 198 12.90 34.36 7.10
CA GLN D 198 12.18 34.28 8.36
C GLN D 198 11.16 33.13 8.35
N VAL D 199 11.35 32.18 9.25
CA VAL D 199 10.44 31.04 9.36
C VAL D 199 9.58 31.14 10.61
N THR D 200 8.28 31.34 10.42
CA THR D 200 7.34 31.41 11.54
C THR D 200 6.76 30.02 11.81
N HIS D 201 6.74 29.63 13.08
CA HIS D 201 6.32 28.29 13.45
C HIS D 201 5.90 28.16 14.91
N GLU D 202 4.59 28.03 15.13
CA GLU D 202 4.06 27.70 16.45
C GLU D 202 4.54 28.66 17.55
N GLY D 203 4.34 29.96 17.33
CA GLY D 203 4.71 30.95 18.32
C GLY D 203 6.20 31.20 18.39
N SER D 204 6.93 30.71 17.38
CA SER D 204 8.36 30.97 17.27
C SER D 204 8.72 31.38 15.85
N THR D 205 9.56 32.41 15.75
CA THR D 205 10.05 32.86 14.45
C THR D 205 11.57 32.77 14.44
N VAL D 206 12.10 31.99 13.50
CA VAL D 206 13.55 31.84 13.36
C VAL D 206 14.02 32.53 12.09
N GLU D 207 14.95 33.46 12.24
CA GLU D 207 15.45 34.23 11.10
C GLU D 207 16.92 34.01 10.85
N LYS D 208 17.27 33.74 9.59
CA LYS D 208 18.66 33.65 9.16
C LYS D 208 18.97 34.78 8.19
N THR D 209 20.19 35.29 8.26
CA THR D 209 20.58 36.42 7.43
C THR D 209 21.87 36.12 6.65
N VAL D 210 21.93 36.62 5.43
CA VAL D 210 23.15 36.55 4.63
C VAL D 210 23.48 37.93 4.06
N ALA D 211 24.75 38.14 3.74
CA ALA D 211 25.21 39.40 3.16
C ALA D 211 26.19 39.13 2.03
N PRO D 212 26.06 39.88 0.92
CA PRO D 212 26.95 39.70 -0.23
C PRO D 212 28.43 39.99 0.11
N THR D 213 28.66 40.88 1.06
CA THR D 213 30.02 41.26 1.42
C THR D 213 30.66 40.27 2.39
N GLU D 214 29.85 39.39 2.97
CA GLU D 214 30.33 38.44 3.96
C GLU D 214 30.19 37.00 3.48
N CYS D 215 30.37 36.05 4.40
CA CYS D 215 30.19 34.64 4.09
C CYS D 215 28.88 34.12 4.67
#